data_5T9X
#
_entry.id   5T9X
#
_cell.length_a   109.070
_cell.length_b   109.070
_cell.length_c   239.300
_cell.angle_alpha   90.000
_cell.angle_beta   90.000
_cell.angle_gamma   90.000
#
_symmetry.space_group_name_H-M   'P 43 21 2'
#
loop_
_entity.id
_entity.type
_entity.pdbx_description
1 polymer 'Glycoside Hydrolase'
2 non-polymer 'SODIUM ION'
3 non-polymer IMIDAZOLE
4 water water
#
_entity_poly.entity_id   1
_entity_poly.type   'polypeptide(L)'
_entity_poly.pdbx_seq_one_letter_code
;MGSSHHHHHHSSGLVPRGSHMASGDNNGEENGSENGSNTDPGDSETEFEYEWDKFPVPVSAGTGMKWELQSQSDDFNYTA
DSNNKGNFEKKWTDYYHANWSGPAPTIWQRDHISVSDGCLRIETSRPDDVKIVKVTSGDKEKMMPGTYTGCVTSKTRVVY
PVYVEAYAKIANSTMASDVWMLSPDDTQEIDIIEAYGSDRVVGDDGHKFYGPDRIHLSHHVFIRDPFQDYQPTDPGSWYK
DVNGTIWRNDFHRVGVYWKDPFNLEYYVDGKMVRRVSGKNIIDPNDFTKGTGLSKEMDIIINMEDQSWRAISGLSPTNKE
LMNKDNNTFLVDWIRIYKPVEDK
;
_entity_poly.pdbx_strand_id   A,B,C
#
# COMPACT_ATOMS: atom_id res chain seq x y z
N SER A 44 30.85 38.30 8.15
CA SER A 44 30.77 38.76 9.57
C SER A 44 31.53 37.77 10.49
N GLU A 45 32.56 38.30 11.16
CA GLU A 45 33.45 37.56 12.07
C GLU A 45 33.20 37.94 13.54
N THR A 46 32.23 37.27 14.15
CA THR A 46 31.75 37.65 15.47
C THR A 46 31.78 36.49 16.43
N GLU A 47 31.68 36.84 17.70
CA GLU A 47 31.74 35.88 18.78
C GLU A 47 30.55 34.92 18.68
N PHE A 48 30.81 33.66 18.99
CA PHE A 48 29.77 32.61 19.08
C PHE A 48 28.78 32.94 20.18
N GLU A 49 27.47 32.91 19.87
CA GLU A 49 26.40 33.07 20.89
C GLU A 49 25.67 31.76 21.22
N TYR A 50 25.52 30.86 20.23
CA TYR A 50 24.78 29.61 20.45
C TYR A 50 25.65 28.38 20.16
N GLU A 51 25.27 27.24 20.74
CA GLU A 51 25.81 25.89 20.43
C GLU A 51 26.21 25.77 18.98
N TRP A 52 25.27 26.16 18.11
CA TRP A 52 25.38 25.98 16.66
C TRP A 52 26.30 26.91 15.87
N ASP A 53 26.82 27.95 16.50
CA ASP A 53 27.64 28.92 15.79
C ASP A 53 28.99 28.35 15.36
N LYS A 54 29.42 27.24 15.93
CA LYS A 54 30.53 26.53 15.31
C LYS A 54 30.30 26.11 13.86
N PHE A 55 29.05 26.08 13.41
CA PHE A 55 28.72 25.73 12.03
C PHE A 55 28.12 26.92 11.31
N PRO A 56 28.71 27.35 10.19
CA PRO A 56 28.06 28.45 9.47
C PRO A 56 26.85 28.00 8.67
N VAL A 57 26.04 28.99 8.29
CA VAL A 57 24.93 28.79 7.41
C VAL A 57 25.57 28.43 6.06
N PRO A 58 25.22 27.28 5.49
CA PRO A 58 26.04 26.76 4.40
C PRO A 58 25.80 27.39 3.03
N VAL A 59 25.01 28.46 2.95
CA VAL A 59 24.71 29.11 1.69
C VAL A 59 24.59 30.61 1.92
N SER A 60 24.92 31.40 0.90
CA SER A 60 24.84 32.84 0.98
C SER A 60 23.39 33.34 1.03
N ALA A 61 23.18 34.41 1.76
CA ALA A 61 21.86 35.00 1.90
C ALA A 61 21.45 35.81 0.68
N GLY A 62 22.41 36.03 -0.24
CA GLY A 62 22.13 36.79 -1.43
C GLY A 62 22.89 38.09 -1.38
N THR A 63 22.93 38.70 -2.56
CA THR A 63 23.70 39.90 -2.79
C THR A 63 23.17 41.07 -1.92
N GLY A 64 24.02 41.64 -1.05
CA GLY A 64 23.60 42.70 -0.12
C GLY A 64 22.73 42.29 1.08
N MET A 65 22.65 40.98 1.35
CA MET A 65 21.79 40.46 2.40
C MET A 65 22.62 39.75 3.46
N LYS A 66 22.03 39.55 4.62
CA LYS A 66 22.58 38.68 5.65
C LYS A 66 21.47 37.78 6.23
N TRP A 67 21.88 36.77 6.99
CA TRP A 67 20.98 35.83 7.63
C TRP A 67 20.56 36.38 8.97
N GLU A 68 19.29 36.25 9.34
CA GLU A 68 18.80 36.65 10.63
C GLU A 68 18.14 35.45 11.32
N LEU A 69 18.64 35.12 12.50
CA LEU A 69 18.11 34.04 13.28
C LEU A 69 16.68 34.37 13.69
N GLN A 70 15.78 33.40 13.60
CA GLN A 70 14.38 33.59 13.93
C GLN A 70 14.15 33.03 15.31
N SER A 71 13.19 33.58 16.03
CA SER A 71 13.00 33.18 17.44
C SER A 71 12.36 31.81 17.63
N GLN A 72 11.79 31.24 16.56
CA GLN A 72 11.32 29.84 16.61
C GLN A 72 12.46 28.82 16.80
N SER A 73 13.70 29.17 16.40
CA SER A 73 14.88 28.34 16.63
C SER A 73 14.99 27.93 18.10
N ASP A 74 15.47 26.72 18.37
CA ASP A 74 15.57 26.22 19.74
C ASP A 74 16.79 25.34 19.90
N ASP A 75 17.64 25.67 20.87
CA ASP A 75 18.76 24.81 21.24
C ASP A 75 18.42 23.72 22.28
N PHE A 76 17.19 23.76 22.80
CA PHE A 76 16.67 22.76 23.71
C PHE A 76 17.50 22.54 24.97
N ASN A 77 18.21 23.56 25.47
CA ASN A 77 19.04 23.43 26.68
C ASN A 77 18.25 23.92 27.91
N TYR A 78 17.27 23.11 28.26
CA TYR A 78 16.39 23.31 29.41
C TYR A 78 15.73 21.96 29.72
N THR A 79 14.85 21.93 30.72
CA THR A 79 14.17 20.70 31.12
C THR A 79 12.69 20.84 30.86
N ALA A 80 12.10 19.81 30.28
CA ALA A 80 10.64 19.75 30.13
C ALA A 80 10.12 18.33 30.04
N ASP A 81 8.89 18.14 30.49
CA ASP A 81 8.09 16.95 30.13
C ASP A 81 6.60 17.36 29.99
N SER A 82 5.69 16.41 29.74
CA SER A 82 4.24 16.72 29.55
C SER A 82 3.56 17.42 30.75
N ASN A 83 4.02 17.11 31.97
CA ASN A 83 3.49 17.74 33.20
C ASN A 83 4.10 19.09 33.57
N ASN A 84 5.33 19.36 33.10
CA ASN A 84 6.09 20.59 33.41
C ASN A 84 6.75 21.10 32.16
N LYS A 85 5.96 21.67 31.26
CA LYS A 85 6.43 22.06 29.95
C LYS A 85 7.30 23.30 30.01
N GLY A 86 6.92 24.27 30.83
CA GLY A 86 7.79 25.41 31.08
C GLY A 86 8.33 26.03 29.80
N ASN A 87 9.61 25.81 29.53
CA ASN A 87 10.27 26.46 28.38
C ASN A 87 9.89 25.93 27.01
N PHE A 88 9.56 24.64 26.95
CA PHE A 88 9.01 23.99 25.75
C PHE A 88 7.75 24.71 25.23
N GLU A 89 6.84 25.02 26.14
CA GLU A 89 5.58 25.67 25.82
C GLU A 89 5.71 27.05 25.17
N LYS A 90 6.88 27.68 25.24
CA LYS A 90 7.04 29.00 24.63
C LYS A 90 7.19 28.94 23.12
N LYS A 91 7.58 27.77 22.58
CA LYS A 91 7.81 27.61 21.14
C LYS A 91 7.16 26.41 20.46
N TRP A 92 6.60 25.49 21.23
CA TRP A 92 6.24 24.17 20.73
C TRP A 92 4.98 23.68 21.40
N THR A 93 4.21 22.84 20.70
CA THR A 93 3.19 22.01 21.35
C THR A 93 3.61 20.55 21.20
N ASP A 94 3.17 19.70 22.12
CA ASP A 94 3.55 18.25 22.13
C ASP A 94 2.52 17.34 21.42
N TYR A 95 1.96 17.84 20.31
CA TYR A 95 1.09 17.04 19.45
C TYR A 95 1.25 17.52 18.02
N TYR A 96 0.55 16.86 17.10
CA TYR A 96 0.48 17.25 15.67
C TYR A 96 -0.40 18.46 15.60
N HIS A 97 -0.35 19.17 14.48
CA HIS A 97 -1.08 20.42 14.28
C HIS A 97 -2.65 20.31 14.20
N ALA A 98 -3.18 19.09 14.25
CA ALA A 98 -4.63 18.83 14.16
C ALA A 98 -4.87 17.62 15.04
N ASN A 99 -6.12 17.33 15.36
CA ASN A 99 -6.41 16.22 16.27
C ASN A 99 -6.42 14.85 15.55
N TRP A 100 -5.24 14.42 15.12
CA TRP A 100 -5.02 13.15 14.44
C TRP A 100 -3.91 12.42 15.18
N SER A 101 -4.10 11.13 15.42
CA SER A 101 -3.16 10.39 16.23
C SER A 101 -2.04 9.79 15.41
N GLY A 102 -2.11 9.96 14.09
CA GLY A 102 -1.01 9.58 13.21
C GLY A 102 -1.30 8.36 12.37
N PRO A 103 -0.41 8.06 11.39
CA PRO A 103 -0.61 6.95 10.44
C PRO A 103 -0.53 5.58 11.13
N ALA A 104 -1.56 4.77 10.99
CA ALA A 104 -1.67 3.54 11.77
C ALA A 104 -0.50 2.58 11.46
N PRO A 105 0.11 1.94 12.45
CA PRO A 105 -0.39 1.85 13.83
C PRO A 105 0.21 2.83 14.83
N THR A 106 0.74 3.95 14.35
CA THR A 106 1.19 5.06 15.19
C THR A 106 0.06 5.63 16.01
N ILE A 107 0.33 5.91 17.26
CA ILE A 107 -0.59 6.61 18.14
C ILE A 107 0.25 7.61 18.95
N TRP A 108 0.25 8.87 18.53
CA TRP A 108 1.03 9.90 19.21
C TRP A 108 0.49 10.14 20.62
N GLN A 109 1.42 10.42 21.53
CA GLN A 109 1.14 10.65 22.94
C GLN A 109 1.94 11.87 23.39
N ARG A 110 1.30 12.78 24.12
CA ARG A 110 1.99 13.96 24.65
C ARG A 110 3.18 13.59 25.57
N ASP A 111 2.97 12.58 26.42
CA ASP A 111 3.98 12.20 27.40
C ASP A 111 5.16 11.45 26.81
N HIS A 112 5.15 11.15 25.51
CA HIS A 112 6.32 10.61 24.83
C HIS A 112 7.26 11.69 24.30
N ILE A 113 6.96 12.97 24.61
CA ILE A 113 7.83 14.10 24.30
C ILE A 113 8.48 14.65 25.55
N SER A 114 9.79 14.90 25.48
CA SER A 114 10.46 15.63 26.55
C SER A 114 11.73 16.31 26.08
N VAL A 115 12.26 17.16 26.94
CA VAL A 115 13.53 17.83 26.73
C VAL A 115 14.38 17.64 27.99
N SER A 116 15.58 17.12 27.80
CA SER A 116 16.54 16.91 28.87
C SER A 116 17.92 16.61 28.29
N ASP A 117 18.95 16.96 29.05
CA ASP A 117 20.34 16.73 28.65
C ASP A 117 20.71 17.41 27.30
N GLY A 118 20.11 18.57 27.06
CA GLY A 118 20.36 19.33 25.86
C GLY A 118 19.66 18.88 24.57
N CYS A 119 18.72 17.93 24.63
CA CYS A 119 17.99 17.48 23.45
C CYS A 119 16.48 17.39 23.62
N LEU A 120 15.77 17.64 22.54
CA LEU A 120 14.40 17.17 22.36
C LEU A 120 14.48 15.66 22.21
N ARG A 121 13.65 14.96 22.95
CA ARG A 121 13.68 13.51 22.98
C ARG A 121 12.27 12.99 22.69
N ILE A 122 12.17 12.09 21.70
CA ILE A 122 10.90 11.47 21.39
C ILE A 122 11.04 9.99 21.60
N GLU A 123 10.30 9.42 22.55
CA GLU A 123 10.37 7.98 22.81
C GLU A 123 9.29 7.15 22.11
N THR A 124 9.51 5.84 22.07
CA THR A 124 8.57 4.88 21.57
C THR A 124 8.35 3.74 22.56
N SER A 125 7.11 3.38 22.81
CA SER A 125 6.78 2.27 23.69
C SER A 125 5.55 1.59 23.16
N ARG A 126 5.22 0.46 23.78
CA ARG A 126 3.99 -0.25 23.50
C ARG A 126 3.54 -0.95 24.77
N PRO A 127 2.52 -0.43 25.46
CA PRO A 127 1.98 -1.12 26.63
C PRO A 127 1.44 -2.53 26.36
N ASP A 128 1.22 -3.32 27.41
CA ASP A 128 0.61 -4.65 27.28
C ASP A 128 -0.84 -4.53 26.81
N ASP A 129 -1.53 -3.57 27.41
CA ASP A 129 -2.94 -3.30 27.14
C ASP A 129 -3.22 -2.41 25.90
N VAL A 130 -2.24 -2.16 25.03
CA VAL A 130 -2.49 -1.24 23.90
C VAL A 130 -3.62 -1.71 22.97
N LYS A 131 -4.40 -0.77 22.46
CA LYS A 131 -5.47 -1.09 21.53
C LYS A 131 -4.98 -1.64 20.19
N ILE A 132 -5.90 -2.27 19.48
CA ILE A 132 -5.63 -2.83 18.18
C ILE A 132 -6.13 -1.80 17.18
N VAL A 133 -5.36 -1.60 16.11
CA VAL A 133 -5.78 -0.69 15.02
C VAL A 133 -5.72 -1.43 13.70
N LYS A 134 -6.59 -1.03 12.78
CA LYS A 134 -6.61 -1.59 11.43
C LYS A 134 -5.66 -0.77 10.59
N VAL A 135 -4.71 -1.45 9.95
CA VAL A 135 -3.69 -0.82 9.13
C VAL A 135 -3.94 -1.14 7.67
N THR A 136 -3.80 -0.13 6.81
CA THR A 136 -4.08 -0.28 5.38
C THR A 136 -2.97 0.36 4.50
N SER A 137 -2.59 -0.34 3.45
CA SER A 137 -1.69 0.21 2.42
C SER A 137 -1.82 -0.66 1.18
N GLY A 138 -1.92 -0.02 0.02
CA GLY A 138 -2.52 -0.64 -1.15
C GLY A 138 -3.94 -1.02 -0.77
N ASP A 139 -4.23 -2.31 -0.85
CA ASP A 139 -5.42 -2.88 -0.22
C ASP A 139 -5.13 -4.19 0.51
N LYS A 140 -3.90 -4.33 1.00
CA LYS A 140 -3.63 -5.28 2.09
C LYS A 140 -4.28 -4.63 3.34
N GLU A 141 -4.65 -5.46 4.29
CA GLU A 141 -5.40 -5.01 5.45
C GLU A 141 -5.00 -5.93 6.59
N LYS A 142 -4.75 -5.36 7.76
CA LYS A 142 -4.09 -6.07 8.85
C LYS A 142 -4.42 -5.42 10.21
N MET A 143 -4.76 -6.24 11.20
CA MET A 143 -4.98 -5.75 12.55
C MET A 143 -3.66 -5.85 13.28
N MET A 144 -3.18 -4.76 13.86
CA MET A 144 -1.93 -4.78 14.66
C MET A 144 -2.09 -4.09 15.98
N PRO A 145 -1.19 -4.37 16.92
CA PRO A 145 -1.13 -3.54 18.11
C PRO A 145 -0.58 -2.16 17.79
N GLY A 146 -1.17 -1.15 18.41
CA GLY A 146 -0.70 0.22 18.30
C GLY A 146 0.72 0.41 18.81
N THR A 147 1.35 1.47 18.33
CA THR A 147 2.69 1.84 18.75
C THR A 147 2.65 3.28 19.25
N TYR A 148 2.91 3.50 20.53
CA TYR A 148 2.88 4.84 21.09
C TYR A 148 4.20 5.52 20.77
N THR A 149 4.12 6.80 20.39
CA THR A 149 5.30 7.60 20.18
C THR A 149 4.93 9.05 20.31
N GLY A 150 5.74 9.96 19.80
CA GLY A 150 5.49 11.39 19.98
C GLY A 150 5.56 12.26 18.74
N CYS A 151 4.95 13.44 18.83
CA CYS A 151 4.93 14.41 17.76
C CYS A 151 4.97 15.83 18.34
N VAL A 152 5.74 16.70 17.71
CA VAL A 152 5.90 18.07 18.13
C VAL A 152 5.60 18.99 16.94
N THR A 153 4.98 20.13 17.25
CA THR A 153 4.64 21.15 16.26
C THR A 153 5.06 22.51 16.75
N SER A 154 5.59 23.31 15.84
CA SER A 154 5.98 24.68 16.17
C SER A 154 4.78 25.57 16.50
N LYS A 155 5.02 26.63 17.26
CA LYS A 155 3.96 27.59 17.59
C LYS A 155 3.82 28.65 16.53
N THR A 156 4.89 28.94 15.78
CA THR A 156 4.84 29.87 14.65
C THR A 156 5.19 29.16 13.34
N ARG A 157 4.98 29.85 12.22
CA ARG A 157 5.18 29.26 10.91
C ARG A 157 6.29 29.93 10.18
N VAL A 158 6.81 29.24 9.17
CA VAL A 158 7.86 29.76 8.31
C VAL A 158 7.35 29.78 6.90
N VAL A 159 7.96 30.63 6.09
CA VAL A 159 7.68 30.71 4.69
C VAL A 159 8.94 31.16 4.01
N TYR A 160 9.04 30.88 2.72
CA TYR A 160 10.19 31.25 1.92
C TYR A 160 10.40 32.78 1.96
N PRO A 161 11.64 33.29 1.86
CA PRO A 161 12.89 32.51 1.86
C PRO A 161 13.31 32.14 3.30
N VAL A 162 13.75 30.91 3.52
CA VAL A 162 14.03 30.47 4.89
C VAL A 162 14.96 29.26 4.84
N TYR A 163 15.88 29.19 5.80
CA TYR A 163 16.78 28.05 5.94
C TYR A 163 16.46 27.41 7.25
N VAL A 164 16.10 26.13 7.23
CA VAL A 164 15.74 25.39 8.46
C VAL A 164 16.68 24.20 8.56
N GLU A 165 17.39 24.06 9.68
CA GLU A 165 18.43 23.03 9.85
C GLU A 165 18.23 22.37 11.18
N ALA A 166 18.17 21.04 11.22
CA ALA A 166 18.21 20.31 12.48
C ALA A 166 19.54 19.60 12.63
N TYR A 167 19.95 19.43 13.89
CA TYR A 167 21.09 18.63 14.29
C TYR A 167 20.49 17.49 15.11
N ALA A 168 20.56 16.29 14.55
CA ALA A 168 19.74 15.20 15.03
C ALA A 168 20.43 13.87 14.91
N LYS A 169 20.03 12.97 15.79
CA LYS A 169 20.52 11.61 15.79
C LYS A 169 19.34 10.67 15.53
N ILE A 170 19.33 10.12 14.33
CA ILE A 170 18.23 9.29 13.88
C ILE A 170 18.13 8.04 14.75
N ALA A 171 16.90 7.67 15.11
CA ALA A 171 16.71 6.57 16.03
C ALA A 171 17.18 5.25 15.41
N ASN A 172 17.81 4.42 16.23
CA ASN A 172 18.22 3.06 15.83
C ASN A 172 16.99 2.12 15.95
N SER A 173 16.07 2.30 15.02
CA SER A 173 14.71 1.80 15.11
C SER A 173 14.13 1.60 13.72
N THR A 174 13.19 0.67 13.59
CA THR A 174 12.44 0.59 12.33
C THR A 174 11.41 1.75 12.20
N MET A 175 11.13 2.42 13.29
CA MET A 175 10.35 3.67 13.26
C MET A 175 11.02 4.71 12.37
N ALA A 176 10.21 5.53 11.72
CA ALA A 176 10.70 6.72 11.04
C ALA A 176 11.07 7.78 12.07
N SER A 177 12.22 8.43 11.86
CA SER A 177 12.60 9.66 12.58
C SER A 177 12.43 10.82 11.59
N ASP A 178 11.64 11.84 11.96
CA ASP A 178 11.18 12.87 11.01
C ASP A 178 11.29 14.29 11.51
N VAL A 179 11.82 15.15 10.64
CA VAL A 179 11.77 16.61 10.79
C VAL A 179 11.21 17.17 9.49
N TRP A 180 10.10 17.90 9.56
CA TRP A 180 9.37 18.30 8.33
C TRP A 180 8.44 19.47 8.50
N MET A 181 7.93 19.97 7.38
CA MET A 181 7.15 21.17 7.38
C MET A 181 5.89 20.90 6.59
N LEU A 182 4.77 21.39 7.10
CA LEU A 182 3.49 21.16 6.50
C LEU A 182 2.59 22.41 6.68
N SER A 183 1.91 22.82 5.59
CA SER A 183 0.95 23.90 5.62
C SER A 183 -0.28 23.49 6.42
N PRO A 184 -0.93 24.43 7.15
CA PRO A 184 -2.12 24.03 7.97
C PRO A 184 -3.28 23.39 7.18
N ASP A 185 -3.44 23.70 5.89
CA ASP A 185 -4.50 23.10 5.04
C ASP A 185 -4.15 21.71 4.44
N ASP A 186 -2.96 21.19 4.80
CA ASP A 186 -2.45 19.86 4.42
C ASP A 186 -2.21 19.69 2.91
N THR A 187 -1.94 20.77 2.18
CA THR A 187 -1.70 20.67 0.72
C THR A 187 -0.23 20.74 0.30
N GLN A 188 0.64 21.20 1.20
CA GLN A 188 2.05 21.39 0.87
C GLN A 188 2.96 21.00 2.03
N GLU A 189 4.02 20.29 1.69
CA GLU A 189 4.86 19.69 2.68
C GLU A 189 6.29 19.71 2.14
N ILE A 190 7.26 20.04 3.01
CA ILE A 190 8.71 19.94 2.72
C ILE A 190 9.30 19.02 3.80
N ASP A 191 9.98 17.97 3.36
CA ASP A 191 10.59 17.02 4.30
C ASP A 191 12.05 17.26 4.39
N ILE A 192 12.52 17.58 5.59
CA ILE A 192 13.93 17.82 5.84
C ILE A 192 14.66 16.50 6.14
N ILE A 193 14.18 15.77 7.12
CA ILE A 193 14.67 14.47 7.45
C ILE A 193 13.49 13.52 7.47
N GLU A 194 13.59 12.47 6.66
CA GLU A 194 12.80 11.25 6.88
C GLU A 194 13.79 10.09 6.75
N ALA A 195 13.93 9.31 7.82
CA ALA A 195 14.97 8.28 7.90
C ALA A 195 14.55 7.11 8.77
N TYR A 196 15.08 5.94 8.41
CA TYR A 196 14.89 4.70 9.16
C TYR A 196 16.29 4.24 9.56
N GLY A 197 16.55 4.20 10.86
CA GLY A 197 17.88 3.93 11.34
C GLY A 197 18.29 2.49 11.64
N SER A 198 17.34 1.58 11.74
CA SER A 198 17.63 0.18 12.11
C SER A 198 18.27 -0.61 10.97
N ASP A 199 19.06 -1.64 11.33
CA ASP A 199 19.58 -2.60 10.34
C ASP A 199 18.53 -3.52 9.81
N ARG A 200 17.43 -3.72 10.53
CA ARG A 200 16.33 -4.53 9.99
C ARG A 200 15.65 -3.79 8.81
N VAL A 201 15.80 -4.33 7.61
CA VAL A 201 15.27 -3.70 6.39
C VAL A 201 14.52 -4.64 5.46
N VAL A 202 14.22 -5.85 5.95
CA VAL A 202 13.64 -6.86 5.09
C VAL A 202 12.23 -7.02 5.57
N GLY A 203 11.29 -6.93 4.62
CA GLY A 203 9.88 -7.21 4.89
C GLY A 203 9.63 -8.69 5.02
N ASP A 204 8.37 -9.09 5.05
CA ASP A 204 8.04 -10.50 5.27
C ASP A 204 7.32 -11.31 4.14
N ASP A 205 7.19 -10.88 2.87
CA ASP A 205 8.06 -9.96 2.11
C ASP A 205 7.06 -8.96 1.39
N GLY A 206 6.95 -8.80 0.06
CA GLY A 206 7.94 -9.10 -1.02
C GLY A 206 8.92 -7.98 -1.42
N HIS A 207 9.32 -7.14 -0.45
CA HIS A 207 10.11 -5.92 -0.70
C HIS A 207 11.52 -5.92 -0.03
N LYS A 208 12.45 -5.23 -0.68
CA LYS A 208 13.60 -4.61 0.02
C LYS A 208 13.15 -3.17 0.38
N PHE A 209 13.56 -2.68 1.55
CA PHE A 209 13.31 -1.29 1.94
C PHE A 209 14.62 -0.50 2.03
N TYR A 210 14.52 0.82 1.90
CA TYR A 210 15.69 1.70 2.02
C TYR A 210 16.21 1.63 3.47
N GLY A 211 17.54 1.55 3.57
CA GLY A 211 18.22 1.23 4.82
C GLY A 211 18.82 2.42 5.56
N PRO A 212 19.67 2.13 6.56
CA PRO A 212 20.19 3.14 7.46
C PRO A 212 21.36 3.95 6.90
N ASP A 213 21.74 3.68 5.65
CA ASP A 213 22.65 4.54 4.89
C ASP A 213 21.92 5.65 4.09
N ARG A 214 20.60 5.76 4.25
CA ARG A 214 19.78 6.73 3.48
C ARG A 214 19.06 7.73 4.36
N ILE A 215 18.98 8.94 3.81
CA ILE A 215 18.03 9.94 4.28
C ILE A 215 17.12 10.27 3.09
N HIS A 216 15.81 10.28 3.32
CA HIS A 216 14.84 10.73 2.31
C HIS A 216 14.71 12.25 2.36
N LEU A 217 15.10 12.89 1.27
CA LEU A 217 15.00 14.32 1.08
C LEU A 217 13.91 14.57 0.04
N SER A 218 12.79 15.10 0.48
CA SER A 218 11.63 15.17 -0.37
C SER A 218 10.70 16.33 -0.02
N HIS A 219 9.63 16.43 -0.79
CA HIS A 219 8.54 17.33 -0.51
C HIS A 219 7.28 16.70 -1.12
N HIS A 220 6.12 17.14 -0.69
CA HIS A 220 4.87 16.65 -1.25
C HIS A 220 3.98 17.84 -1.61
N VAL A 221 3.17 17.65 -2.63
CA VAL A 221 2.03 18.51 -2.92
C VAL A 221 0.81 17.59 -3.01
N PHE A 222 -0.32 18.02 -2.45
CA PHE A 222 -1.53 17.20 -2.35
C PHE A 222 -2.75 17.92 -2.86
N ILE A 223 -3.67 17.14 -3.41
CA ILE A 223 -5.06 17.55 -3.53
C ILE A 223 -5.79 16.75 -2.46
N ARG A 224 -6.64 17.39 -1.69
CA ARG A 224 -7.29 16.70 -0.58
C ARG A 224 -8.42 15.72 -0.95
N ASP A 225 -9.25 16.08 -1.94
CA ASP A 225 -10.51 15.34 -2.24
C ASP A 225 -11.03 15.56 -3.67
N PRO A 226 -10.90 14.59 -4.58
CA PRO A 226 -10.29 13.25 -4.33
C PRO A 226 -8.75 13.27 -4.14
N PHE A 227 -8.25 12.42 -3.25
CA PHE A 227 -6.89 12.51 -2.75
C PHE A 227 -5.81 12.13 -3.77
N GLN A 228 -4.84 13.02 -3.95
CA GLN A 228 -3.66 12.71 -4.75
C GLN A 228 -2.41 13.31 -4.09
N ASP A 229 -1.31 12.58 -4.23
CA ASP A 229 -0.03 12.83 -3.57
C ASP A 229 0.98 12.90 -4.70
N TYR A 230 1.72 14.00 -4.80
CA TYR A 230 2.94 14.01 -5.62
C TYR A 230 4.17 14.22 -4.75
N GLN A 231 5.22 13.45 -5.03
CA GLN A 231 6.56 13.77 -4.57
C GLN A 231 7.55 13.44 -5.68
N PRO A 232 8.76 14.01 -5.60
CA PRO A 232 9.80 13.54 -6.53
C PRO A 232 10.14 12.07 -6.28
N THR A 233 10.50 11.40 -7.36
CA THR A 233 10.53 9.94 -7.40
C THR A 233 11.88 9.41 -7.94
N ASP A 234 12.88 10.27 -8.04
CA ASP A 234 14.14 9.91 -8.64
C ASP A 234 15.17 9.38 -7.61
N PRO A 235 16.26 8.74 -8.07
CA PRO A 235 17.18 8.14 -7.08
C PRO A 235 17.79 9.14 -6.05
N GLY A 236 18.06 10.38 -6.45
CA GLY A 236 18.63 11.39 -5.56
C GLY A 236 17.79 11.70 -4.34
N SER A 237 16.49 11.41 -4.41
CA SER A 237 15.61 11.66 -3.29
C SER A 237 15.92 10.79 -2.11
N TRP A 238 16.54 9.64 -2.32
CA TRP A 238 17.04 8.81 -1.21
C TRP A 238 18.55 8.94 -1.13
N TYR A 239 19.00 9.89 -0.30
CA TYR A 239 20.37 10.32 -0.23
C TYR A 239 21.26 9.34 0.49
N LYS A 240 22.34 8.98 -0.18
CA LYS A 240 23.39 8.11 0.33
C LYS A 240 24.66 8.88 0.03
N ASP A 241 25.57 9.00 1.00
CA ASP A 241 26.91 9.57 0.67
C ASP A 241 27.89 8.52 0.16
N VAL A 242 28.98 9.01 -0.41
CA VAL A 242 29.98 8.15 -1.04
C VAL A 242 30.67 7.15 -0.08
N ASN A 243 30.78 7.50 1.20
CA ASN A 243 31.42 6.65 2.23
C ASN A 243 30.52 5.61 2.84
N GLY A 244 29.23 5.62 2.52
CA GLY A 244 28.25 4.75 3.17
C GLY A 244 27.98 5.11 4.62
N THR A 245 27.98 6.40 4.97
CA THR A 245 27.67 6.81 6.33
C THR A 245 26.33 6.25 6.84
N ILE A 246 26.40 5.61 7.99
CA ILE A 246 25.25 5.12 8.71
C ILE A 246 24.82 6.22 9.65
N TRP A 247 23.75 6.95 9.27
CA TRP A 247 23.36 8.22 9.94
C TRP A 247 22.95 8.07 11.43
N ARG A 248 22.27 6.98 11.77
CA ARG A 248 22.03 6.50 13.15
C ARG A 248 23.18 6.69 14.17
N ASN A 249 24.42 6.54 13.71
CA ASN A 249 25.56 6.48 14.61
C ASN A 249 26.00 7.79 15.22
N ASP A 250 25.52 8.91 14.70
CA ASP A 250 25.90 10.18 15.27
C ASP A 250 24.85 11.27 15.00
N PHE A 251 25.08 12.45 15.59
CA PHE A 251 24.38 13.68 15.25
C PHE A 251 24.85 14.18 13.88
N HIS A 252 23.89 14.60 13.06
CA HIS A 252 24.18 15.20 11.75
C HIS A 252 23.29 16.42 11.54
N ARG A 253 23.82 17.42 10.85
CA ARG A 253 23.04 18.53 10.38
C ARG A 253 22.37 18.14 9.06
N VAL A 254 21.05 18.31 8.99
CA VAL A 254 20.32 18.29 7.73
C VAL A 254 19.43 19.52 7.69
N GLY A 255 19.53 20.29 6.63
CA GLY A 255 18.68 21.46 6.43
C GLY A 255 18.20 21.64 5.00
N VAL A 256 17.23 22.56 4.85
CA VAL A 256 16.75 22.94 3.55
C VAL A 256 16.70 24.46 3.44
N TYR A 257 17.14 24.95 2.29
CA TYR A 257 16.91 26.30 1.88
C TYR A 257 15.68 26.28 0.97
N TRP A 258 14.57 26.70 1.54
CA TRP A 258 13.35 26.95 0.82
C TRP A 258 13.48 28.36 0.30
N LYS A 259 13.94 28.48 -0.94
CA LYS A 259 14.34 29.76 -1.48
C LYS A 259 13.16 30.54 -2.09
N ASP A 260 12.35 29.87 -2.89
CA ASP A 260 11.14 30.45 -3.46
C ASP A 260 10.18 29.27 -3.77
N PRO A 261 9.00 29.52 -4.36
CA PRO A 261 8.10 28.36 -4.54
C PRO A 261 8.52 27.27 -5.52
N PHE A 262 9.56 27.52 -6.32
CA PHE A 262 10.11 26.53 -7.22
C PHE A 262 11.58 26.20 -6.97
N ASN A 263 12.10 26.46 -5.77
CA ASN A 263 13.48 26.16 -5.44
C ASN A 263 13.69 25.72 -4.00
N LEU A 264 14.05 24.46 -3.85
CA LEU A 264 14.60 23.90 -2.63
C LEU A 264 16.04 23.44 -2.85
N GLU A 265 16.86 23.57 -1.81
CA GLU A 265 18.25 23.05 -1.78
C GLU A 265 18.41 22.36 -0.45
N TYR A 266 18.89 21.11 -0.46
CA TYR A 266 19.09 20.33 0.76
C TYR A 266 20.58 20.29 1.12
N TYR A 267 20.87 20.44 2.42
CA TYR A 267 22.24 20.48 2.93
C TYR A 267 22.44 19.42 4.00
N VAL A 268 23.45 18.57 3.83
CA VAL A 268 23.78 17.55 4.82
C VAL A 268 25.19 17.84 5.28
N ASP A 269 25.33 18.04 6.59
CA ASP A 269 26.58 18.47 7.23
C ASP A 269 27.26 19.60 6.44
N GLY A 270 26.49 20.63 6.10
CA GLY A 270 27.00 21.83 5.45
C GLY A 270 27.28 21.75 3.95
N LYS A 271 27.03 20.59 3.34
CA LYS A 271 27.31 20.39 1.93
C LYS A 271 25.97 20.33 1.20
N MET A 272 25.90 21.01 0.06
CA MET A 272 24.71 21.01 -0.75
C MET A 272 24.66 19.69 -1.54
N VAL A 273 23.70 18.82 -1.20
CA VAL A 273 23.65 17.45 -1.78
C VAL A 273 22.46 17.19 -2.70
N ARG A 274 21.48 18.08 -2.75
CA ARG A 274 20.35 17.93 -3.64
C ARG A 274 19.61 19.22 -3.91
N ARG A 275 19.50 19.56 -5.19
CA ARG A 275 18.79 20.75 -5.62
C ARG A 275 17.50 20.34 -6.30
N VAL A 276 16.39 20.91 -5.86
CA VAL A 276 15.08 20.64 -6.47
C VAL A 276 14.53 21.98 -7.04
N SER A 277 14.63 22.11 -8.35
CA SER A 277 14.41 23.39 -9.04
C SER A 277 13.55 23.25 -10.31
N GLY A 278 12.48 24.05 -10.37
CA GLY A 278 11.63 24.10 -11.55
C GLY A 278 10.37 23.29 -11.42
N LYS A 279 9.36 23.75 -12.14
CA LYS A 279 8.01 23.22 -12.16
C LYS A 279 7.95 21.72 -12.42
N ASN A 280 8.80 21.25 -13.32
CA ASN A 280 8.78 19.84 -13.69
C ASN A 280 9.08 18.87 -12.53
N ILE A 281 9.82 19.33 -11.54
CA ILE A 281 10.11 18.50 -10.38
C ILE A 281 9.38 18.96 -9.11
N ILE A 282 9.03 20.24 -9.03
CA ILE A 282 8.25 20.73 -7.89
C ILE A 282 6.77 20.31 -7.93
N ASP A 283 6.13 20.52 -9.07
CA ASP A 283 4.67 20.34 -9.19
C ASP A 283 4.30 20.08 -10.65
N PRO A 284 4.79 18.97 -11.23
CA PRO A 284 4.55 18.71 -12.66
C PRO A 284 3.09 18.42 -13.04
N ASN A 285 2.28 17.96 -12.08
CA ASN A 285 0.87 17.67 -12.27
C ASN A 285 -0.04 18.85 -11.95
N ASP A 286 0.52 20.02 -11.63
CA ASP A 286 -0.27 21.23 -11.37
C ASP A 286 -1.23 21.17 -10.15
N PHE A 287 -0.88 20.43 -9.12
CA PHE A 287 -1.69 20.41 -7.91
C PHE A 287 -1.77 21.75 -7.15
N THR A 288 -0.76 22.61 -7.31
CA THR A 288 -0.77 23.96 -6.74
C THR A 288 -1.33 25.04 -7.68
N LYS A 289 -1.75 24.64 -8.88
CA LYS A 289 -2.31 25.55 -9.87
C LYS A 289 -1.33 26.67 -10.19
N GLY A 290 -0.04 26.32 -10.26
CA GLY A 290 1.07 27.24 -10.58
C GLY A 290 1.68 28.03 -9.42
N THR A 291 1.10 27.98 -8.22
CA THR A 291 1.67 28.75 -7.09
C THR A 291 3.04 28.24 -6.64
N GLY A 292 3.29 26.91 -6.81
CA GLY A 292 4.43 26.24 -6.22
C GLY A 292 4.30 26.11 -4.73
N LEU A 293 5.43 25.88 -4.08
CA LEU A 293 5.50 25.80 -2.63
C LEU A 293 5.49 27.21 -2.06
N SER A 294 4.29 27.66 -1.71
CA SER A 294 4.01 29.04 -1.44
C SER A 294 3.34 29.29 -0.11
N LYS A 295 2.86 28.27 0.56
CA LYS A 295 2.02 28.49 1.75
C LYS A 295 2.88 28.35 2.96
N GLU A 296 2.64 29.14 3.97
CA GLU A 296 3.47 29.07 5.17
C GLU A 296 3.26 27.74 5.90
N MET A 297 4.30 27.25 6.58
CA MET A 297 4.22 25.93 7.16
C MET A 297 4.59 25.87 8.64
N ASP A 298 3.93 24.95 9.34
CA ASP A 298 4.28 24.53 10.67
C ASP A 298 5.50 23.63 10.55
N ILE A 299 6.38 23.68 11.55
CA ILE A 299 7.47 22.74 11.61
C ILE A 299 7.07 21.58 12.49
N ILE A 300 7.34 20.37 12.02
CA ILE A 300 6.96 19.17 12.74
C ILE A 300 8.17 18.27 12.98
N ILE A 301 8.29 17.76 14.20
CA ILE A 301 9.32 16.82 14.54
C ILE A 301 8.59 15.64 15.15
N ASN A 302 8.80 14.42 14.63
CA ASN A 302 8.15 13.27 15.25
C ASN A 302 8.83 11.94 14.99
N MET A 303 8.27 10.88 15.56
CA MET A 303 8.45 9.55 14.98
C MET A 303 7.12 8.96 14.52
N GLU A 304 7.20 8.04 13.56
CA GLU A 304 6.04 7.39 12.96
C GLU A 304 6.35 5.91 12.77
N ASP A 305 5.40 5.05 13.14
CA ASP A 305 5.34 3.67 12.66
C ASP A 305 4.49 3.67 11.41
N GLN A 306 5.13 3.86 10.26
CA GLN A 306 4.42 4.17 9.03
C GLN A 306 3.70 2.96 8.47
N SER A 307 2.50 3.17 7.94
CA SER A 307 1.59 2.08 7.53
C SER A 307 2.18 1.10 6.52
N TRP A 308 2.65 1.62 5.41
CA TRP A 308 3.25 0.83 4.32
C TRP A 308 4.43 -0.04 4.76
N ARG A 309 5.15 0.40 5.78
CA ARG A 309 6.21 -0.39 6.37
C ARG A 309 5.66 -1.36 7.40
N ALA A 310 4.70 -0.92 8.20
CA ALA A 310 4.17 -1.77 9.26
C ALA A 310 3.41 -2.97 8.68
N ILE A 311 2.70 -2.75 7.61
CA ILE A 311 1.96 -3.82 6.99
C ILE A 311 2.84 -4.92 6.40
N SER A 312 4.11 -4.62 6.13
CA SER A 312 5.07 -5.59 5.62
C SER A 312 6.04 -6.12 6.69
N GLY A 313 5.73 -5.93 7.97
CA GLY A 313 6.53 -6.51 9.05
C GLY A 313 7.61 -5.62 9.67
N LEU A 314 7.65 -4.32 9.34
CA LEU A 314 8.68 -3.44 9.91
C LEU A 314 8.20 -2.58 11.10
N SER A 315 7.08 -2.94 11.71
CA SER A 315 6.68 -2.34 12.97
C SER A 315 7.70 -2.85 14.00
N PRO A 316 8.08 -2.02 15.01
CA PRO A 316 9.05 -2.53 16.00
C PRO A 316 8.46 -3.62 16.88
N THR A 317 9.25 -4.66 17.14
CA THR A 317 8.84 -5.80 18.00
C THR A 317 8.87 -5.36 19.45
N ASN A 318 8.12 -6.07 20.29
CA ASN A 318 8.17 -5.81 21.72
C ASN A 318 9.62 -5.96 22.28
N LYS A 319 10.38 -6.91 21.72
CA LYS A 319 11.77 -7.17 22.14
C LYS A 319 12.64 -5.93 21.82
N GLU A 320 12.61 -5.45 20.57
CA GLU A 320 13.33 -4.22 20.16
C GLU A 320 12.98 -2.99 21.02
N LEU A 321 11.72 -2.88 21.44
CA LEU A 321 11.29 -1.78 22.33
C LEU A 321 11.73 -1.90 23.79
N MET A 322 12.27 -3.05 24.21
CA MET A 322 12.91 -3.15 25.56
C MET A 322 14.08 -2.15 25.75
N ASN A 323 14.79 -1.85 24.67
CA ASN A 323 15.87 -0.88 24.66
C ASN A 323 15.35 0.52 24.27
N LYS A 324 15.17 1.38 25.26
CA LYS A 324 14.52 2.67 25.05
C LYS A 324 15.39 3.71 24.33
N ASP A 325 16.72 3.63 24.52
CA ASP A 325 17.65 4.50 23.80
C ASP A 325 17.61 4.25 22.27
N ASN A 326 17.56 3.00 21.85
CA ASN A 326 17.39 2.68 20.43
C ASN A 326 16.12 3.26 19.78
N ASN A 327 15.05 3.46 20.55
CA ASN A 327 13.79 3.93 19.99
C ASN A 327 13.46 5.33 20.44
N THR A 328 14.51 6.10 20.73
CA THR A 328 14.41 7.49 21.08
C THR A 328 15.08 8.31 19.96
N PHE A 329 14.33 9.21 19.34
CA PHE A 329 14.86 10.20 18.38
C PHE A 329 15.30 11.42 19.18
N LEU A 330 16.50 11.93 18.88
CA LEU A 330 17.13 13.06 19.61
C LEU A 330 17.40 14.20 18.67
N VAL A 331 16.96 15.40 19.05
CA VAL A 331 17.29 16.59 18.31
C VAL A 331 17.92 17.55 19.29
N ASP A 332 19.17 17.88 19.00
CA ASP A 332 20.02 18.68 19.87
C ASP A 332 19.64 20.12 19.67
N TRP A 333 19.42 20.49 18.43
CA TRP A 333 18.89 21.81 18.12
C TRP A 333 18.25 21.87 16.75
N ILE A 334 17.49 22.95 16.58
CA ILE A 334 16.89 23.30 15.31
C ILE A 334 16.95 24.82 15.16
N ARG A 335 17.53 25.26 14.05
CA ARG A 335 17.75 26.68 13.81
C ARG A 335 17.17 27.11 12.48
N ILE A 336 16.76 28.38 12.41
CA ILE A 336 15.97 28.93 11.31
C ILE A 336 16.47 30.33 11.03
N TYR A 337 16.81 30.61 9.76
CA TYR A 337 17.31 31.91 9.33
C TYR A 337 16.53 32.37 8.11
N LYS A 338 16.31 33.68 8.04
CA LYS A 338 15.76 34.32 6.87
C LYS A 338 16.73 35.39 6.41
N PRO A 339 16.81 35.62 5.11
CA PRO A 339 17.59 36.72 4.57
C PRO A 339 16.96 38.10 4.84
N VAL A 340 17.77 39.06 5.26
CA VAL A 340 17.37 40.47 5.46
C VAL A 340 18.47 41.39 4.92
N GLU A 341 18.10 42.66 4.72
CA GLU A 341 19.03 43.69 4.24
C GLU A 341 20.25 43.81 5.14
N ASP A 342 21.44 43.86 4.55
CA ASP A 342 22.65 44.16 5.34
C ASP A 342 22.70 45.66 5.72
N PHE B 48 -49.12 -14.70 27.63
CA PHE B 48 -47.72 -14.56 27.12
C PHE B 48 -46.73 -14.31 28.26
N GLU B 49 -45.82 -15.27 28.47
CA GLU B 49 -44.71 -15.11 29.41
C GLU B 49 -43.74 -13.98 28.99
N TYR B 50 -43.53 -13.82 27.68
CA TYR B 50 -42.57 -12.84 27.12
C TYR B 50 -43.24 -12.00 26.03
N GLU B 51 -42.85 -10.74 25.93
CA GLU B 51 -43.19 -9.85 24.80
C GLU B 51 -43.27 -10.56 23.44
N TRP B 52 -42.30 -11.43 23.18
CA TRP B 52 -42.18 -12.07 21.88
C TRP B 52 -43.07 -13.29 21.67
N ASP B 53 -43.81 -13.74 22.69
CA ASP B 53 -44.62 -14.96 22.57
C ASP B 53 -45.83 -14.82 21.65
N LYS B 54 -46.25 -13.58 21.38
CA LYS B 54 -47.28 -13.35 20.35
C LYS B 54 -46.85 -13.76 18.92
N PHE B 55 -45.53 -13.88 18.68
CA PHE B 55 -44.99 -14.31 17.39
C PHE B 55 -44.42 -15.71 17.51
N PRO B 56 -44.90 -16.66 16.69
CA PRO B 56 -44.30 -17.99 16.74
C PRO B 56 -42.93 -18.02 16.05
N VAL B 57 -42.13 -19.03 16.39
CA VAL B 57 -40.87 -19.25 15.70
C VAL B 57 -41.31 -19.66 14.30
N PRO B 58 -40.74 -19.07 13.24
CA PRO B 58 -41.34 -19.27 11.91
C PRO B 58 -40.97 -20.56 11.17
N VAL B 59 -40.32 -21.51 11.82
CA VAL B 59 -39.89 -22.73 11.13
C VAL B 59 -39.94 -23.90 12.12
N SER B 60 -40.17 -25.10 11.60
CA SER B 60 -40.20 -26.29 12.42
C SER B 60 -38.83 -26.60 13.02
N ALA B 61 -38.83 -26.99 14.29
CA ALA B 61 -37.62 -27.51 14.94
C ALA B 61 -37.14 -28.84 14.34
N GLY B 62 -38.00 -29.56 13.61
CA GLY B 62 -37.66 -30.83 12.96
C GLY B 62 -38.54 -31.94 13.52
N THR B 63 -38.42 -33.12 12.93
CA THR B 63 -39.25 -34.26 13.34
C THR B 63 -38.92 -34.71 14.78
N GLY B 64 -39.94 -34.75 15.63
CA GLY B 64 -39.79 -35.12 17.04
C GLY B 64 -39.10 -34.07 17.88
N MET B 65 -39.03 -32.83 17.39
CA MET B 65 -38.27 -31.77 18.08
C MET B 65 -39.18 -30.58 18.37
N LYS B 66 -38.81 -29.86 19.43
CA LYS B 66 -39.41 -28.59 19.76
C LYS B 66 -38.30 -27.52 20.01
N TRP B 67 -38.69 -26.26 19.95
CA TRP B 67 -37.75 -25.14 20.16
C TRP B 67 -37.61 -24.89 21.62
N GLU B 68 -36.43 -24.47 22.05
CA GLU B 68 -36.20 -24.15 23.42
C GLU B 68 -35.46 -22.82 23.56
N LEU B 69 -36.10 -21.90 24.26
CA LEU B 69 -35.56 -20.60 24.51
C LEU B 69 -34.22 -20.68 25.25
N GLN B 70 -33.22 -19.92 24.78
CA GLN B 70 -31.89 -19.83 25.42
C GLN B 70 -31.79 -18.61 26.30
N SER B 71 -31.04 -18.74 27.39
CA SER B 71 -30.97 -17.67 28.37
C SER B 71 -30.27 -16.37 27.88
N GLN B 72 -29.48 -16.45 26.82
CA GLN B 72 -28.88 -15.26 26.19
C GLN B 72 -29.94 -14.27 25.65
N SER B 73 -31.15 -14.76 25.37
CA SER B 73 -32.24 -13.92 24.94
C SER B 73 -32.56 -12.85 25.95
N ASP B 74 -32.86 -11.64 25.46
CA ASP B 74 -33.09 -10.49 26.32
C ASP B 74 -34.23 -9.63 25.78
N ASP B 75 -35.23 -9.37 26.64
CA ASP B 75 -36.39 -8.56 26.23
C ASP B 75 -36.21 -7.08 26.55
N PHE B 76 -35.12 -6.76 27.22
CA PHE B 76 -34.66 -5.39 27.47
C PHE B 76 -35.65 -4.51 28.25
N ASN B 77 -36.44 -5.13 29.14
CA ASN B 77 -37.42 -4.42 29.96
C ASN B 77 -36.81 -4.19 31.33
N TYR B 78 -35.78 -3.36 31.33
CA TYR B 78 -35.08 -2.96 32.53
C TYR B 78 -34.37 -1.63 32.20
N THR B 79 -33.64 -1.07 33.16
CA THR B 79 -32.97 0.23 32.95
C THR B 79 -31.46 0.09 33.11
N ALA B 80 -30.71 0.69 32.20
CA ALA B 80 -29.25 0.67 32.28
C ALA B 80 -28.57 1.80 31.46
N ASP B 81 -27.44 2.27 31.96
CA ASP B 81 -26.48 3.07 31.20
C ASP B 81 -25.06 2.54 31.50
N SER B 82 -24.02 3.24 31.02
CA SER B 82 -22.62 2.78 31.20
C SER B 82 -22.09 2.91 32.66
N ASN B 83 -22.72 3.78 33.46
CA ASN B 83 -22.38 3.94 34.90
C ASN B 83 -23.12 2.98 35.83
N ASN B 84 -24.38 2.63 35.49
CA ASN B 84 -25.21 1.69 36.25
C ASN B 84 -25.76 0.61 35.32
N LYS B 85 -24.86 -0.31 34.93
CA LYS B 85 -25.15 -1.40 33.97
C LYS B 85 -26.30 -2.28 34.45
N GLY B 86 -26.20 -2.71 35.70
CA GLY B 86 -27.29 -3.48 36.32
C GLY B 86 -27.55 -4.79 35.60
N ASN B 87 -28.73 -4.91 35.01
CA ASN B 87 -29.15 -6.13 34.36
C ASN B 87 -28.54 -6.37 32.99
N PHE B 88 -28.06 -5.29 32.36
CA PHE B 88 -27.32 -5.35 31.10
C PHE B 88 -26.04 -6.20 31.23
N GLU B 89 -25.22 -5.88 32.24
CA GLU B 89 -23.98 -6.61 32.64
C GLU B 89 -24.16 -8.14 32.73
N LYS B 90 -25.37 -8.59 32.93
CA LYS B 90 -25.65 -10.01 33.12
C LYS B 90 -25.54 -10.81 31.82
N LYS B 91 -25.86 -10.18 30.70
CA LYS B 91 -25.91 -10.86 29.42
C LYS B 91 -25.09 -10.26 28.28
N TRP B 92 -24.52 -9.05 28.49
CA TRP B 92 -23.85 -8.26 27.43
C TRP B 92 -22.63 -7.48 27.94
N THR B 93 -21.68 -7.18 27.04
CA THR B 93 -20.71 -6.09 27.27
C THR B 93 -21.07 -4.91 26.39
N ASP B 94 -20.64 -3.72 26.75
CA ASP B 94 -20.92 -2.55 25.95
C ASP B 94 -19.74 -2.12 25.10
N TYR B 95 -19.04 -3.10 24.53
CA TYR B 95 -18.03 -2.84 23.51
C TYR B 95 -17.98 -4.03 22.55
N TYR B 96 -17.16 -3.92 21.51
CA TYR B 96 -16.85 -4.99 20.58
C TYR B 96 -16.11 -6.09 21.30
N HIS B 97 -15.99 -7.27 20.70
CA HIS B 97 -15.40 -8.45 21.36
C HIS B 97 -13.87 -8.42 21.53
N ALA B 98 -13.23 -7.39 20.97
CA ALA B 98 -11.79 -7.14 21.10
C ALA B 98 -11.60 -5.64 21.26
N ASN B 99 -10.36 -5.21 21.51
CA ASN B 99 -10.05 -3.82 21.79
C ASN B 99 -9.73 -3.04 20.49
N TRP B 100 -10.75 -2.91 19.65
CA TRP B 100 -10.71 -2.18 18.38
C TRP B 100 -11.88 -1.21 18.43
N SER B 101 -11.70 0.04 17.99
CA SER B 101 -12.80 1.04 18.08
C SER B 101 -13.71 1.10 16.84
N GLY B 102 -13.38 0.34 15.79
CA GLY B 102 -14.32 0.10 14.71
C GLY B 102 -13.84 0.57 13.36
N PRO B 103 -14.61 0.29 12.30
CA PRO B 103 -14.23 0.66 10.94
C PRO B 103 -14.36 2.15 10.75
N ALA B 104 -13.28 2.76 10.31
CA ALA B 104 -13.15 4.21 10.31
C ALA B 104 -14.19 4.80 9.35
N PRO B 105 -14.83 5.93 9.70
CA PRO B 105 -14.55 6.76 10.88
C PRO B 105 -15.39 6.44 12.14
N THR B 106 -15.88 5.22 12.27
CA THR B 106 -16.59 4.83 13.48
C THR B 106 -15.61 4.83 14.63
N ILE B 107 -16.03 5.35 15.77
CA ILE B 107 -15.28 5.22 17.00
C ILE B 107 -16.25 4.79 18.08
N TRP B 108 -16.26 3.49 18.41
CA TRP B 108 -17.19 2.95 19.39
C TRP B 108 -16.92 3.54 20.76
N GLN B 109 -17.99 3.72 21.53
CA GLN B 109 -17.94 4.34 22.87
C GLN B 109 -18.87 3.56 23.80
N ARG B 110 -18.39 3.19 24.98
CA ARG B 110 -19.24 2.49 25.96
C ARG B 110 -20.48 3.29 26.41
N ASP B 111 -20.35 4.61 26.56
CA ASP B 111 -21.47 5.42 27.01
C ASP B 111 -22.53 5.71 25.95
N HIS B 112 -22.30 5.28 24.70
CA HIS B 112 -23.35 5.37 23.68
C HIS B 112 -24.33 4.22 23.70
N ILE B 113 -24.23 3.33 24.69
CA ILE B 113 -25.17 2.22 24.88
C ILE B 113 -26.02 2.45 26.12
N SER B 114 -27.32 2.23 26.01
CA SER B 114 -28.17 2.26 27.17
C SER B 114 -29.36 1.37 26.93
N VAL B 115 -30.10 1.09 27.99
CA VAL B 115 -31.38 0.39 27.90
C VAL B 115 -32.40 1.24 28.68
N SER B 116 -33.50 1.61 28.05
CA SER B 116 -34.64 2.24 28.72
C SER B 116 -35.85 2.19 27.81
N ASP B 117 -37.06 2.18 28.40
CA ASP B 117 -38.32 2.14 27.67
C ASP B 117 -38.52 0.82 26.92
N GLY B 118 -37.96 -0.25 27.48
CA GLY B 118 -38.04 -1.55 26.84
C GLY B 118 -37.19 -1.76 25.58
N CYS B 119 -36.22 -0.87 25.33
CA CYS B 119 -35.32 -1.03 24.20
C CYS B 119 -33.83 -0.89 24.56
N LEU B 120 -33.01 -1.72 23.93
CA LEU B 120 -31.60 -1.43 23.78
C LEU B 120 -31.48 -0.27 22.81
N ARG B 121 -30.67 0.73 23.12
CA ARG B 121 -30.57 1.94 22.34
C ARG B 121 -29.12 2.21 22.06
N ILE B 122 -28.80 2.46 20.80
CA ILE B 122 -27.46 2.80 20.43
C ILE B 122 -27.45 4.17 19.80
N GLU B 123 -26.84 5.14 20.48
CA GLU B 123 -26.82 6.50 19.96
C GLU B 123 -25.58 6.81 19.16
N THR B 124 -25.70 7.86 18.37
CA THR B 124 -24.63 8.35 17.54
C THR B 124 -24.50 9.83 17.86
N SER B 125 -23.26 10.29 17.98
CA SER B 125 -22.96 11.71 18.16
C SER B 125 -21.59 12.04 17.54
N ARG B 126 -21.31 13.34 17.45
CA ARG B 126 -20.03 13.86 17.02
C ARG B 126 -19.75 15.19 17.76
N PRO B 127 -18.96 15.13 18.86
CA PRO B 127 -18.52 16.36 19.54
C PRO B 127 -17.67 17.28 18.68
N ASP B 128 -17.50 18.52 19.13
CA ASP B 128 -16.64 19.53 18.44
C ASP B 128 -15.16 19.20 18.58
N ASP B 129 -14.77 18.60 19.71
CA ASP B 129 -13.39 18.12 19.95
C ASP B 129 -12.92 16.84 19.19
N VAL B 130 -13.66 16.33 18.19
CA VAL B 130 -13.48 14.92 17.76
C VAL B 130 -12.21 14.65 16.95
N LYS B 131 -11.65 13.45 17.13
CA LYS B 131 -10.50 12.99 16.39
C LYS B 131 -10.76 13.05 14.88
N ILE B 132 -9.70 13.27 14.13
CA ILE B 132 -9.70 13.06 12.70
C ILE B 132 -9.14 11.65 12.52
N VAL B 133 -9.67 10.90 11.55
CA VAL B 133 -9.12 9.58 11.20
C VAL B 133 -9.02 9.41 9.70
N LYS B 134 -8.06 8.59 9.31
CA LYS B 134 -7.83 8.24 7.93
C LYS B 134 -8.84 7.19 7.57
N VAL B 135 -9.57 7.40 6.50
CA VAL B 135 -10.57 6.46 6.09
C VAL B 135 -10.08 5.93 4.78
N THR B 136 -10.15 4.62 4.63
CA THR B 136 -9.56 3.98 3.49
C THR B 136 -10.55 2.92 2.94
N SER B 137 -10.79 2.91 1.64
CA SER B 137 -11.68 1.91 1.03
C SER B 137 -11.24 1.61 -0.39
N GLY B 138 -10.71 0.41 -0.57
CA GLY B 138 -9.97 0.08 -1.77
C GLY B 138 -8.70 0.91 -1.86
N ASP B 139 -8.49 1.53 -3.00
CA ASP B 139 -7.34 2.41 -3.20
C ASP B 139 -7.66 3.90 -2.90
N LYS B 140 -8.88 4.23 -2.45
CA LYS B 140 -9.25 5.60 -2.07
C LYS B 140 -8.93 5.91 -0.57
N GLU B 141 -8.57 7.17 -0.29
CA GLU B 141 -8.32 7.70 1.06
C GLU B 141 -9.01 9.03 1.24
N LYS B 142 -9.25 9.37 2.50
CA LYS B 142 -9.78 10.68 2.88
C LYS B 142 -9.62 10.83 4.42
N MET B 143 -9.20 12.01 4.88
CA MET B 143 -9.18 12.35 6.32
C MET B 143 -10.52 12.87 6.72
N MET B 144 -11.09 12.38 7.82
CA MET B 144 -12.45 12.76 8.20
C MET B 144 -12.64 12.88 9.69
N PRO B 145 -13.62 13.68 10.13
CA PRO B 145 -14.01 13.64 11.52
C PRO B 145 -14.52 12.27 11.89
N GLY B 146 -14.20 11.83 13.10
CA GLY B 146 -14.80 10.62 13.66
C GLY B 146 -16.28 10.78 13.94
N THR B 147 -16.91 9.63 14.20
CA THR B 147 -18.32 9.54 14.55
C THR B 147 -18.39 8.58 15.71
N TYR B 148 -18.94 9.04 16.83
CA TYR B 148 -19.10 8.23 18.00
C TYR B 148 -20.39 7.47 17.90
N THR B 149 -20.31 6.17 18.15
CA THR B 149 -21.50 5.38 18.33
C THR B 149 -21.18 4.24 19.27
N GLY B 150 -21.96 3.17 19.21
CA GLY B 150 -21.81 2.11 20.20
C GLY B 150 -21.86 0.71 19.65
N CYS B 151 -21.42 -0.24 20.47
CA CYS B 151 -21.32 -1.63 20.10
C CYS B 151 -21.54 -2.50 21.31
N VAL B 152 -22.37 -3.51 21.14
CA VAL B 152 -22.73 -4.47 22.18
C VAL B 152 -22.28 -5.87 21.75
N THR B 153 -21.72 -6.65 22.68
CA THR B 153 -21.34 -8.04 22.43
C THR B 153 -21.99 -8.95 23.49
N SER B 154 -22.44 -10.11 23.04
CA SER B 154 -22.99 -11.11 23.96
C SER B 154 -21.92 -11.68 24.87
N LYS B 155 -22.33 -12.17 26.03
CA LYS B 155 -21.44 -12.89 26.95
C LYS B 155 -21.37 -14.37 26.67
N THR B 156 -22.35 -14.91 25.98
CA THR B 156 -22.24 -16.29 25.54
C THR B 156 -22.34 -16.37 24.05
N ARG B 157 -21.97 -17.53 23.53
CA ARG B 157 -21.91 -17.77 22.11
C ARG B 157 -22.98 -18.72 21.67
N VAL B 158 -23.22 -18.75 20.38
CA VAL B 158 -24.19 -19.66 19.83
C VAL B 158 -23.54 -20.43 18.70
N VAL B 159 -24.11 -21.61 18.44
CA VAL B 159 -23.62 -22.46 17.37
C VAL B 159 -24.80 -23.19 16.79
N TYR B 160 -24.67 -23.65 15.56
CA TYR B 160 -25.78 -24.33 14.92
C TYR B 160 -26.12 -25.58 15.69
N PRO B 161 -27.31 -26.14 15.50
CA PRO B 161 -28.47 -25.46 14.97
C PRO B 161 -29.02 -24.42 15.95
N VAL B 162 -29.34 -23.24 15.45
CA VAL B 162 -29.85 -22.16 16.29
C VAL B 162 -30.66 -21.15 15.48
N TYR B 163 -31.74 -20.62 16.08
CA TYR B 163 -32.57 -19.53 15.47
C TYR B 163 -32.36 -18.27 16.31
N VAL B 164 -31.88 -17.19 15.69
CA VAL B 164 -31.66 -15.89 16.37
C VAL B 164 -32.49 -14.84 15.64
N GLU B 165 -33.30 -14.08 16.39
CA GLU B 165 -34.24 -13.13 15.81
C GLU B 165 -34.36 -11.86 16.63
N ALA B 166 -34.20 -10.73 15.96
CA ALA B 166 -34.30 -9.43 16.58
C ALA B 166 -35.52 -8.69 16.06
N TYR B 167 -36.04 -7.86 16.94
CA TYR B 167 -37.17 -7.02 16.62
C TYR B 167 -36.72 -5.60 16.84
N ALA B 168 -36.55 -4.88 15.73
CA ALA B 168 -35.74 -3.68 15.75
C ALA B 168 -36.27 -2.62 14.82
N LYS B 169 -35.98 -1.37 15.18
CA LYS B 169 -36.24 -0.22 14.35
C LYS B 169 -34.90 0.29 13.85
N ILE B 170 -34.61 -0.03 12.60
CA ILE B 170 -33.41 0.46 11.92
C ILE B 170 -33.38 2.00 12.07
N ALA B 171 -32.22 2.53 12.37
CA ALA B 171 -32.09 3.98 12.60
C ALA B 171 -32.27 4.77 11.31
N ASN B 172 -33.06 5.84 11.36
CA ASN B 172 -33.23 6.77 10.25
C ASN B 172 -31.96 7.65 10.02
N SER B 173 -30.89 6.98 9.61
CA SER B 173 -29.55 7.51 9.64
C SER B 173 -28.76 6.90 8.48
N THR B 174 -27.72 7.61 8.04
CA THR B 174 -26.80 7.05 7.08
C THR B 174 -25.81 6.04 7.69
N MET B 175 -25.79 5.94 9.01
CA MET B 175 -25.10 4.86 9.68
C MET B 175 -25.76 3.52 9.36
N ALA B 176 -24.96 2.45 9.40
CA ALA B 176 -25.47 1.09 9.33
C ALA B 176 -26.08 0.75 10.65
N SER B 177 -27.27 0.17 10.64
CA SER B 177 -27.80 -0.48 11.83
C SER B 177 -27.55 -2.00 11.66
N ASP B 178 -26.86 -2.61 12.63
CA ASP B 178 -26.39 -3.99 12.48
C ASP B 178 -26.72 -4.90 13.65
N VAL B 179 -27.22 -6.10 13.31
CA VAL B 179 -27.29 -7.22 14.22
C VAL B 179 -26.60 -8.40 13.54
N TRP B 180 -25.57 -8.96 14.17
CA TRP B 180 -24.72 -9.94 13.49
C TRP B 180 -23.99 -10.84 14.49
N MET B 181 -23.21 -11.78 13.93
CA MET B 181 -22.53 -12.79 14.68
C MET B 181 -21.15 -13.00 14.09
N LEU B 182 -20.17 -13.22 14.96
CA LEU B 182 -18.77 -13.31 14.59
C LEU B 182 -18.05 -14.28 15.53
N SER B 183 -17.26 -15.19 14.96
CA SER B 183 -16.46 -16.10 15.75
C SER B 183 -15.36 -15.33 16.46
N PRO B 184 -14.92 -15.79 17.64
CA PRO B 184 -13.84 -15.05 18.32
C PRO B 184 -12.56 -14.89 17.51
N ASP B 185 -12.20 -15.88 16.66
CA ASP B 185 -11.02 -15.76 15.77
C ASP B 185 -11.23 -14.90 14.52
N ASP B 186 -12.43 -14.33 14.35
CA ASP B 186 -12.77 -13.41 13.24
C ASP B 186 -12.69 -14.07 11.87
N THR B 187 -12.91 -15.37 11.79
CA THR B 187 -12.88 -16.03 10.49
C THR B 187 -14.27 -16.29 9.93
N GLN B 188 -15.31 -16.33 10.76
CA GLN B 188 -16.65 -16.71 10.33
C GLN B 188 -17.67 -15.72 10.89
N GLU B 189 -18.60 -15.34 10.05
CA GLU B 189 -19.52 -14.26 10.37
C GLU B 189 -20.87 -14.50 9.76
N ILE B 190 -21.94 -14.23 10.52
CA ILE B 190 -23.31 -14.28 9.97
C ILE B 190 -24.02 -12.97 10.25
N ASP B 191 -24.47 -12.28 9.20
CA ASP B 191 -25.19 -11.01 9.41
C ASP B 191 -26.68 -11.22 9.37
N ILE B 192 -27.38 -10.79 10.40
CA ILE B 192 -28.82 -10.93 10.46
C ILE B 192 -29.44 -9.66 9.90
N ILE B 193 -29.09 -8.51 10.45
CA ILE B 193 -29.47 -7.20 9.92
C ILE B 193 -28.22 -6.35 9.67
N GLU B 194 -27.99 -5.98 8.42
CA GLU B 194 -27.17 -4.84 8.08
C GLU B 194 -28.03 -3.90 7.24
N ALA B 195 -28.32 -2.70 7.75
CA ALA B 195 -29.27 -1.82 7.08
C ALA B 195 -28.97 -0.32 7.20
N TYR B 196 -29.25 0.42 6.11
CA TYR B 196 -29.10 1.87 6.07
C TYR B 196 -30.49 2.48 5.99
N GLY B 197 -30.93 3.14 7.07
CA GLY B 197 -32.26 3.74 7.10
C GLY B 197 -32.50 5.15 6.56
N SER B 198 -31.47 5.92 6.22
CA SER B 198 -31.73 7.30 5.80
C SER B 198 -32.34 7.39 4.38
N ASP B 199 -33.10 8.47 4.18
CA ASP B 199 -33.51 8.86 2.82
C ASP B 199 -32.31 9.28 1.99
N ARG B 200 -31.23 9.74 2.64
CA ARG B 200 -30.06 10.19 1.92
C ARG B 200 -29.22 9.03 1.36
N VAL B 201 -29.25 8.87 0.05
CA VAL B 201 -28.61 7.74 -0.62
C VAL B 201 -27.65 8.09 -1.77
N VAL B 202 -27.48 9.38 -2.05
CA VAL B 202 -26.66 9.85 -3.14
C VAL B 202 -25.30 10.25 -2.58
N GLY B 203 -24.24 9.72 -3.20
CA GLY B 203 -22.86 10.03 -2.82
C GLY B 203 -22.34 11.31 -3.45
N ASP B 204 -21.05 11.60 -3.21
CA ASP B 204 -20.33 12.78 -3.74
C ASP B 204 -20.30 12.83 -5.24
N ASP B 205 -20.00 11.67 -5.81
CA ASP B 205 -19.94 11.42 -7.25
C ASP B 205 -21.32 11.37 -7.98
N GLY B 206 -22.43 11.47 -7.23
CA GLY B 206 -23.78 11.36 -7.79
C GLY B 206 -24.41 9.97 -7.82
N HIS B 207 -23.66 8.93 -7.49
CA HIS B 207 -24.17 7.55 -7.59
C HIS B 207 -25.02 7.15 -6.36
N LYS B 208 -26.03 6.33 -6.59
CA LYS B 208 -27.00 5.98 -5.57
C LYS B 208 -26.65 4.65 -4.89
N PHE B 209 -26.60 4.69 -3.56
CA PHE B 209 -26.40 3.52 -2.71
C PHE B 209 -27.75 2.88 -2.38
N TYR B 210 -27.70 1.61 -2.01
CA TYR B 210 -28.90 0.93 -1.57
C TYR B 210 -29.48 1.68 -0.38
N GLY B 211 -30.78 1.89 -0.47
CA GLY B 211 -31.50 2.79 0.43
C GLY B 211 -32.37 2.07 1.45
N PRO B 212 -33.35 2.80 2.02
CA PRO B 212 -34.14 2.31 3.14
C PRO B 212 -35.27 1.32 2.81
N ASP B 213 -35.37 0.88 1.56
CA ASP B 213 -36.19 -0.28 1.21
C ASP B 213 -35.43 -1.61 1.32
N ARG B 214 -34.19 -1.57 1.80
CA ARG B 214 -33.35 -2.76 1.82
C ARG B 214 -32.69 -3.16 3.14
N ILE B 215 -32.59 -4.47 3.32
CA ILE B 215 -31.86 -5.10 4.40
C ILE B 215 -30.85 -5.99 3.72
N HIS B 216 -29.58 -5.86 4.06
CA HIS B 216 -28.52 -6.77 3.57
C HIS B 216 -28.48 -8.03 4.48
N LEU B 217 -28.69 -9.18 3.84
CA LEU B 217 -28.72 -10.50 4.45
C LEU B 217 -27.54 -11.25 3.89
N SER B 218 -26.56 -11.52 4.72
CA SER B 218 -25.29 -12.03 4.23
C SER B 218 -24.54 -12.80 5.30
N HIS B 219 -23.40 -13.32 4.92
CA HIS B 219 -22.48 -13.93 5.86
C HIS B 219 -21.10 -13.74 5.23
N HIS B 220 -20.04 -13.85 6.03
CA HIS B 220 -18.70 -13.72 5.51
C HIS B 220 -17.85 -14.90 5.94
N VAL B 221 -16.88 -15.25 5.12
CA VAL B 221 -15.77 -16.11 5.54
C VAL B 221 -14.48 -15.40 5.22
N PHE B 222 -13.54 -15.45 6.15
CA PHE B 222 -12.28 -14.75 5.99
C PHE B 222 -11.09 -15.68 6.17
N ILE B 223 -10.01 -15.43 5.43
CA ILE B 223 -8.64 -15.79 5.82
C ILE B 223 -7.98 -14.53 6.40
N ARG B 224 -7.32 -14.62 7.54
CA ARG B 224 -6.70 -13.43 8.18
C ARG B 224 -5.38 -12.88 7.53
N ASP B 225 -4.42 -13.76 7.19
CA ASP B 225 -3.11 -13.37 6.59
C ASP B 225 -2.73 -14.43 5.57
N PRO B 226 -2.63 -14.10 4.27
CA PRO B 226 -2.98 -12.80 3.68
C PRO B 226 -4.49 -12.60 3.62
N PHE B 227 -4.95 -11.38 3.89
CA PHE B 227 -6.36 -11.12 4.09
C PHE B 227 -7.24 -11.30 2.87
N GLN B 228 -8.27 -12.14 3.03
CA GLN B 228 -9.33 -12.29 2.02
C GLN B 228 -10.66 -12.44 2.72
N ASP B 229 -11.72 -12.07 1.98
CA ASP B 229 -13.07 -11.85 2.48
C ASP B 229 -14.01 -12.41 1.40
N TYR B 230 -14.81 -13.39 1.76
CA TYR B 230 -15.85 -13.85 0.90
C TYR B 230 -17.21 -13.50 1.52
N GLN B 231 -18.14 -13.03 0.70
CA GLN B 231 -19.57 -13.02 1.02
C GLN B 231 -20.34 -13.27 -0.25
N PRO B 232 -21.60 -13.71 -0.13
CA PRO B 232 -22.40 -13.77 -1.33
C PRO B 232 -22.57 -12.37 -1.85
N THR B 233 -22.56 -12.22 -3.17
CA THR B 233 -22.75 -10.90 -3.85
C THR B 233 -23.84 -10.91 -4.93
N ASP B 234 -24.64 -11.97 -4.99
CA ASP B 234 -25.81 -12.01 -5.84
C ASP B 234 -26.79 -10.94 -5.37
N PRO B 235 -27.63 -10.44 -6.30
CA PRO B 235 -28.52 -9.33 -5.95
C PRO B 235 -29.57 -9.61 -4.87
N GLY B 236 -29.99 -10.87 -4.68
CA GLY B 236 -30.92 -11.22 -3.62
C GLY B 236 -30.41 -11.01 -2.19
N SER B 237 -29.10 -10.86 -1.99
CA SER B 237 -28.58 -10.47 -0.65
C SER B 237 -29.00 -9.10 -0.16
N TRP B 238 -29.37 -8.18 -1.07
CA TRP B 238 -29.98 -6.89 -0.74
C TRP B 238 -31.47 -7.06 -0.87
N TYR B 239 -32.09 -7.43 0.25
CA TYR B 239 -33.46 -7.85 0.23
C TYR B 239 -34.41 -6.67 0.23
N LYS B 240 -35.49 -6.82 -0.52
CA LYS B 240 -36.47 -5.80 -0.83
C LYS B 240 -37.78 -6.60 -0.89
N ASP B 241 -38.72 -6.20 -0.07
CA ASP B 241 -40.12 -6.61 -0.12
C ASP B 241 -40.67 -6.38 -1.53
N VAL B 242 -41.69 -7.13 -1.93
CA VAL B 242 -42.34 -6.92 -3.24
C VAL B 242 -43.01 -5.55 -3.30
N ASN B 243 -43.48 -5.08 -2.14
CA ASN B 243 -44.03 -3.74 -1.95
C ASN B 243 -43.03 -2.60 -1.57
N GLY B 244 -41.72 -2.87 -1.52
CA GLY B 244 -40.72 -1.88 -1.05
C GLY B 244 -41.01 -1.24 0.30
N THR B 245 -41.49 -2.03 1.26
CA THR B 245 -41.58 -1.64 2.66
C THR B 245 -40.32 -0.90 3.12
N ILE B 246 -40.53 0.18 3.86
CA ILE B 246 -39.44 1.02 4.35
C ILE B 246 -39.17 0.63 5.79
N TRP B 247 -38.14 -0.20 5.96
CA TRP B 247 -37.95 -0.97 7.21
C TRP B 247 -37.81 -0.03 8.40
N ARG B 248 -37.07 1.07 8.23
CA ARG B 248 -36.84 2.03 9.29
C ARG B 248 -38.10 2.68 9.84
N ASN B 249 -39.23 2.61 9.14
CA ASN B 249 -40.46 3.25 9.65
C ASN B 249 -41.14 2.54 10.79
N ASP B 250 -40.69 1.33 11.10
CA ASP B 250 -41.30 0.52 12.14
C ASP B 250 -40.34 -0.50 12.72
N PHE B 251 -40.79 -1.16 13.78
CA PHE B 251 -40.13 -2.35 14.28
C PHE B 251 -40.44 -3.56 13.42
N HIS B 252 -39.40 -4.28 13.01
CA HIS B 252 -39.56 -5.51 12.28
C HIS B 252 -38.75 -6.67 12.88
N ARG B 253 -39.29 -7.89 12.73
CA ARG B 253 -38.59 -9.12 13.07
C ARG B 253 -37.64 -9.50 11.94
N VAL B 254 -36.37 -9.71 12.24
CA VAL B 254 -35.44 -10.27 11.27
C VAL B 254 -34.64 -11.34 11.99
N GLY B 255 -34.63 -12.55 11.45
CA GLY B 255 -33.89 -13.62 12.06
C GLY B 255 -33.26 -14.58 11.07
N VAL B 256 -32.32 -15.38 11.58
CA VAL B 256 -31.64 -16.37 10.78
C VAL B 256 -31.70 -17.70 11.48
N TYR B 257 -32.03 -18.73 10.71
CA TYR B 257 -31.92 -20.10 11.16
C TYR B 257 -30.61 -20.63 10.59
N TRP B 258 -29.63 -20.73 11.47
CA TRP B 258 -28.35 -21.32 11.17
C TRP B 258 -28.49 -22.83 11.43
N LYS B 259 -28.89 -23.57 10.40
CA LYS B 259 -29.36 -24.94 10.55
C LYS B 259 -28.21 -25.93 10.64
N ASP B 260 -27.19 -25.74 9.79
CA ASP B 260 -25.96 -26.54 9.82
C ASP B 260 -24.84 -25.77 9.10
N PRO B 261 -23.64 -26.35 8.99
CA PRO B 261 -22.55 -25.52 8.48
C PRO B 261 -22.65 -25.04 7.05
N PHE B 262 -23.52 -25.64 6.26
CA PHE B 262 -23.79 -25.24 4.89
C PHE B 262 -25.24 -24.81 4.63
N ASN B 263 -25.99 -24.40 5.67
CA ASN B 263 -27.40 -24.01 5.49
C ASN B 263 -27.83 -22.87 6.41
N LEU B 264 -28.18 -21.75 5.78
CA LEU B 264 -28.79 -20.61 6.45
C LEU B 264 -30.16 -20.31 5.81
N GLU B 265 -31.13 -19.90 6.63
CA GLU B 265 -32.42 -19.39 6.14
C GLU B 265 -32.74 -18.11 6.85
N TYR B 266 -33.08 -17.07 6.09
CA TYR B 266 -33.41 -15.77 6.65
C TYR B 266 -34.92 -15.52 6.70
N TYR B 267 -35.41 -14.95 7.80
CA TYR B 267 -36.82 -14.75 8.04
C TYR B 267 -37.07 -13.30 8.37
N VAL B 268 -37.90 -12.63 7.56
CA VAL B 268 -38.30 -11.26 7.81
C VAL B 268 -39.78 -11.31 8.10
N ASP B 269 -40.16 -10.90 9.32
CA ASP B 269 -41.56 -10.86 9.76
C ASP B 269 -42.26 -12.23 9.62
N GLY B 270 -41.55 -13.27 10.03
CA GLY B 270 -42.05 -14.64 9.98
C GLY B 270 -42.06 -15.34 8.64
N LYS B 271 -41.53 -14.72 7.60
CA LYS B 271 -41.57 -15.28 6.26
C LYS B 271 -40.15 -15.57 5.83
N MET B 272 -39.98 -16.69 5.16
CA MET B 272 -38.66 -17.14 4.78
C MET B 272 -38.34 -16.50 3.42
N VAL B 273 -37.41 -15.56 3.43
CA VAL B 273 -37.16 -14.74 2.25
C VAL B 273 -35.84 -15.03 1.58
N ARG B 274 -34.94 -15.78 2.18
CA ARG B 274 -33.72 -16.14 1.49
C ARG B 274 -33.11 -17.39 2.10
N ARG B 275 -32.79 -18.35 1.23
CA ARG B 275 -32.19 -19.62 1.62
C ARG B 275 -30.81 -19.65 1.01
N VAL B 276 -29.81 -19.92 1.84
CA VAL B 276 -28.42 -19.97 1.41
C VAL B 276 -27.91 -21.36 1.75
N SER B 277 -27.74 -22.17 0.72
CA SER B 277 -27.61 -23.61 0.89
C SER B 277 -26.51 -24.16 0.01
N GLY B 278 -25.49 -24.78 0.59
CA GLY B 278 -24.44 -25.47 -0.18
C GLY B 278 -23.10 -24.74 -0.31
N LYS B 279 -22.03 -25.51 -0.41
CA LYS B 279 -20.66 -25.01 -0.60
C LYS B 279 -20.53 -23.88 -1.63
N ASN B 280 -21.16 -24.02 -2.79
CA ASN B 280 -20.95 -23.06 -3.86
C ASN B 280 -21.36 -21.63 -3.49
N ILE B 281 -22.33 -21.49 -2.58
CA ILE B 281 -22.70 -20.18 -2.03
C ILE B 281 -22.14 -19.86 -0.62
N ILE B 282 -21.92 -20.88 0.21
CA ILE B 282 -21.46 -20.67 1.58
C ILE B 282 -19.97 -20.37 1.65
N ASP B 283 -19.18 -21.14 0.90
CA ASP B 283 -17.69 -21.02 0.88
C ASP B 283 -17.06 -21.60 -0.41
N PRO B 284 -17.38 -21.02 -1.58
CA PRO B 284 -16.86 -21.55 -2.86
C PRO B 284 -15.36 -21.55 -3.02
N ASN B 285 -14.65 -20.70 -2.29
CA ASN B 285 -13.21 -20.57 -2.37
C ASN B 285 -12.51 -21.46 -1.36
N ASP B 286 -13.31 -22.18 -0.55
CA ASP B 286 -12.81 -23.16 0.39
C ASP B 286 -11.96 -22.49 1.50
N PHE B 287 -12.39 -21.31 1.96
CA PHE B 287 -11.70 -20.63 3.09
C PHE B 287 -11.78 -21.38 4.43
N THR B 288 -12.82 -22.20 4.60
CA THR B 288 -13.03 -22.98 5.82
C THR B 288 -12.45 -24.41 5.70
N LYS B 289 -11.75 -24.69 4.60
CA LYS B 289 -11.06 -25.96 4.36
C LYS B 289 -12.09 -27.08 4.48
N GLY B 290 -13.32 -26.81 4.02
CA GLY B 290 -14.45 -27.75 4.02
C GLY B 290 -15.38 -27.79 5.26
N THR B 291 -15.00 -27.14 6.38
CA THR B 291 -15.80 -27.19 7.60
C THR B 291 -17.14 -26.45 7.49
N GLY B 292 -17.20 -25.42 6.64
CA GLY B 292 -18.36 -24.52 6.59
C GLY B 292 -18.45 -23.59 7.81
N LEU B 293 -19.65 -23.05 8.00
CA LEU B 293 -19.98 -22.21 9.15
C LEU B 293 -20.25 -23.11 10.34
N SER B 294 -19.16 -23.34 11.05
CA SER B 294 -19.05 -24.34 12.06
C SER B 294 -18.51 -23.83 13.38
N LYS B 295 -17.98 -22.61 13.43
CA LYS B 295 -17.42 -22.08 14.68
C LYS B 295 -18.47 -21.34 15.48
N GLU B 296 -18.40 -21.47 16.78
CA GLU B 296 -19.34 -20.75 17.62
C GLU B 296 -19.06 -19.25 17.53
N MET B 297 -20.13 -18.45 17.70
CA MET B 297 -20.06 -16.99 17.48
C MET B 297 -20.65 -16.14 18.58
N ASP B 298 -20.07 -14.96 18.75
CA ASP B 298 -20.63 -13.94 19.59
C ASP B 298 -21.71 -13.22 18.82
N ILE B 299 -22.75 -12.80 19.52
CA ILE B 299 -23.77 -11.91 18.95
C ILE B 299 -23.34 -10.48 19.19
N ILE B 300 -23.45 -9.68 18.16
CA ILE B 300 -23.00 -8.30 18.20
C ILE B 300 -24.12 -7.42 17.67
N ILE B 301 -24.43 -6.35 18.41
CA ILE B 301 -25.41 -5.37 17.95
C ILE B 301 -24.72 -4.04 17.96
N ASN B 302 -24.75 -3.32 16.83
CA ASN B 302 -24.08 -2.02 16.80
C ASN B 302 -24.64 -1.09 15.74
N MET B 303 -24.05 0.10 15.69
CA MET B 303 -24.09 0.96 14.55
C MET B 303 -22.67 1.17 14.04
N GLU B 304 -22.54 1.52 12.75
CA GLU B 304 -21.23 1.72 12.12
C GLU B 304 -21.32 2.82 11.11
N ASP B 305 -20.33 3.71 11.11
CA ASP B 305 -20.13 4.63 9.98
C ASP B 305 -19.17 3.94 9.01
N GLN B 306 -19.70 3.18 8.05
CA GLN B 306 -18.84 2.30 7.26
C GLN B 306 -17.95 3.03 6.24
N SER B 307 -16.74 2.51 6.05
CA SER B 307 -15.70 3.19 5.30
C SER B 307 -16.05 3.42 3.84
N TRP B 308 -16.53 2.38 3.17
CA TRP B 308 -16.98 2.46 1.78
C TRP B 308 -18.08 3.52 1.54
N ARG B 309 -18.91 3.80 2.55
CA ARG B 309 -19.94 4.83 2.46
C ARG B 309 -19.45 6.21 2.90
N ALA B 310 -18.73 6.25 4.02
CA ALA B 310 -18.19 7.51 4.54
C ALA B 310 -17.31 8.22 3.52
N ILE B 311 -16.52 7.45 2.78
CA ILE B 311 -15.60 8.03 1.80
C ILE B 311 -16.30 8.58 0.53
N SER B 312 -17.56 8.23 0.30
CA SER B 312 -18.35 8.78 -0.81
C SER B 312 -19.33 9.80 -0.29
N GLY B 313 -19.18 10.26 0.95
CA GLY B 313 -19.94 11.36 1.47
C GLY B 313 -21.16 11.00 2.29
N LEU B 314 -21.29 9.77 2.74
CA LEU B 314 -22.50 9.33 3.46
C LEU B 314 -22.32 9.22 4.96
N SER B 315 -21.21 9.75 5.49
CA SER B 315 -21.10 9.93 6.94
C SER B 315 -22.15 10.95 7.39
N PRO B 316 -22.83 10.70 8.53
CA PRO B 316 -23.84 11.67 8.99
C PRO B 316 -23.27 13.06 9.19
N THR B 317 -24.00 14.08 8.80
CA THR B 317 -23.58 15.49 8.99
C THR B 317 -23.86 15.91 10.42
N ASN B 318 -23.19 16.97 10.86
CA ASN B 318 -23.47 17.54 12.18
C ASN B 318 -24.94 17.95 12.36
N LYS B 319 -25.54 18.59 11.35
CA LYS B 319 -26.99 18.91 11.40
C LYS B 319 -27.85 17.64 11.47
N GLU B 320 -27.50 16.59 10.74
CA GLU B 320 -28.27 15.32 10.83
C GLU B 320 -28.17 14.75 12.22
N LEU B 321 -26.99 14.80 12.83
CA LEU B 321 -26.81 14.33 14.21
C LEU B 321 -27.49 15.17 15.28
N MET B 322 -27.95 16.37 14.96
CA MET B 322 -28.79 17.14 15.89
C MET B 322 -30.10 16.43 16.27
N ASN B 323 -30.62 15.59 15.38
CA ASN B 323 -31.81 14.78 15.69
C ASN B 323 -31.40 13.42 16.33
N LYS B 324 -31.45 13.34 17.65
CA LYS B 324 -30.94 12.19 18.39
C LYS B 324 -31.72 10.91 18.13
N ASP B 325 -33.05 11.01 18.09
CA ASP B 325 -33.93 9.88 17.71
C ASP B 325 -33.61 9.28 16.33
N ASN B 326 -33.32 10.09 15.32
CA ASN B 326 -32.99 9.55 13.99
C ASN B 326 -31.68 8.72 13.91
N ASN B 327 -30.74 8.99 14.82
CA ASN B 327 -29.46 8.35 14.80
C ASN B 327 -29.32 7.41 15.99
N THR B 328 -30.46 6.92 16.48
CA THR B 328 -30.53 5.95 17.53
C THR B 328 -31.16 4.66 16.99
N PHE B 329 -30.37 3.59 16.94
CA PHE B 329 -30.85 2.25 16.64
C PHE B 329 -31.55 1.66 17.87
N LEU B 330 -32.76 1.12 17.68
CA LEU B 330 -33.52 0.54 18.77
C LEU B 330 -33.76 -0.95 18.51
N VAL B 331 -33.45 -1.75 19.52
CA VAL B 331 -33.76 -3.17 19.54
C VAL B 331 -34.73 -3.44 20.69
N ASP B 332 -35.97 -3.80 20.35
CA ASP B 332 -36.97 -4.10 21.37
C ASP B 332 -36.60 -5.40 22.10
N TRP B 333 -36.29 -6.43 21.32
CA TRP B 333 -35.80 -7.67 21.88
C TRP B 333 -34.98 -8.52 20.89
N ILE B 334 -34.31 -9.51 21.45
CA ILE B 334 -33.60 -10.50 20.69
C ILE B 334 -33.77 -11.85 21.40
N ARG B 335 -34.15 -12.85 20.63
CA ARG B 335 -34.45 -14.17 21.17
C ARG B 335 -33.71 -15.26 20.38
N ILE B 336 -33.34 -16.31 21.08
CA ILE B 336 -32.47 -17.35 20.56
C ILE B 336 -33.08 -18.68 20.97
N TYR B 337 -33.36 -19.53 19.98
CA TYR B 337 -33.89 -20.88 20.24
C TYR B 337 -32.97 -21.94 19.64
N LYS B 338 -32.94 -23.08 20.31
CA LYS B 338 -32.25 -24.28 19.84
C LYS B 338 -33.22 -25.44 19.84
N PRO B 339 -33.15 -26.31 18.82
CA PRO B 339 -34.01 -27.50 18.80
C PRO B 339 -33.54 -28.51 19.82
N VAL B 340 -34.46 -28.97 20.65
CA VAL B 340 -34.24 -30.06 21.60
C VAL B 340 -35.32 -31.12 21.34
N GLU B 341 -35.07 -32.36 21.74
CA GLU B 341 -36.07 -33.40 21.53
C GLU B 341 -37.34 -33.15 22.41
N ASP B 342 -38.51 -33.43 21.82
CA ASP B 342 -39.84 -33.24 22.43
C ASP B 342 -40.27 -34.57 23.13
N LYS B 343 -39.69 -34.82 24.31
CA LYS B 343 -39.75 -36.15 24.98
C LYS B 343 -40.91 -36.19 25.97
N GLU C 49 31.22 -5.45 -43.91
CA GLU C 49 29.98 -5.98 -44.59
C GLU C 49 28.69 -5.81 -43.75
N TYR C 50 28.78 -6.10 -42.45
CA TYR C 50 27.65 -5.94 -41.53
C TYR C 50 27.94 -4.79 -40.58
N GLU C 51 26.90 -4.03 -40.21
CA GLU C 51 27.00 -3.01 -39.16
C GLU C 51 27.85 -3.36 -37.91
N TRP C 52 27.80 -4.63 -37.50
CA TRP C 52 28.48 -5.10 -36.29
C TRP C 52 29.95 -5.50 -36.49
N ASP C 53 30.43 -5.56 -37.73
CA ASP C 53 31.78 -6.11 -37.98
C ASP C 53 32.90 -5.26 -37.34
N LYS C 54 32.65 -3.96 -37.16
CA LYS C 54 33.56 -3.12 -36.36
C LYS C 54 33.81 -3.59 -34.90
N PHE C 55 32.92 -4.44 -34.34
CA PHE C 55 33.06 -4.94 -32.96
C PHE C 55 33.43 -6.42 -32.95
N PRO C 56 34.60 -6.78 -32.42
CA PRO C 56 34.90 -8.22 -32.42
C PRO C 56 34.01 -8.99 -31.44
N VAL C 57 33.94 -10.31 -31.61
CA VAL C 57 33.28 -11.17 -30.66
C VAL C 57 34.20 -11.21 -29.43
N PRO C 58 33.69 -10.83 -28.23
CA PRO C 58 34.54 -10.51 -27.09
C PRO C 58 35.15 -11.69 -26.31
N VAL C 59 34.95 -12.90 -26.80
CA VAL C 59 35.47 -14.09 -26.15
C VAL C 59 35.96 -15.00 -27.26
N SER C 60 36.97 -15.83 -26.96
CA SER C 60 37.52 -16.70 -27.99
C SER C 60 36.61 -17.95 -28.09
N ALA C 61 36.59 -18.52 -29.30
CA ALA C 61 35.85 -19.75 -29.57
C ALA C 61 36.48 -20.98 -28.89
N GLY C 62 37.80 -20.93 -28.68
CA GLY C 62 38.57 -22.04 -28.12
C GLY C 62 39.74 -22.42 -29.01
N THR C 63 40.57 -23.32 -28.47
CA THR C 63 41.69 -23.92 -29.18
C THR C 63 41.20 -24.63 -30.44
N GLY C 64 41.60 -24.12 -31.60
CA GLY C 64 41.27 -24.73 -32.89
C GLY C 64 39.91 -24.36 -33.46
N MET C 65 39.24 -23.39 -32.81
CA MET C 65 37.86 -23.03 -33.14
C MET C 65 37.76 -21.58 -33.63
N LYS C 66 36.69 -21.31 -34.37
CA LYS C 66 36.34 -19.94 -34.79
C LYS C 66 34.81 -19.69 -34.63
N TRP C 67 34.38 -18.46 -34.85
CA TRP C 67 32.99 -18.10 -34.73
C TRP C 67 32.34 -18.06 -36.09
N GLU C 68 31.17 -18.69 -36.22
CA GLU C 68 30.37 -18.68 -37.43
C GLU C 68 29.06 -17.90 -37.15
N LEU C 69 28.81 -16.89 -37.99
CA LEU C 69 27.62 -16.08 -37.88
C LEU C 69 26.40 -16.94 -38.24
N GLN C 70 25.37 -16.97 -37.39
CA GLN C 70 24.12 -17.67 -37.71
C GLN C 70 23.14 -16.75 -38.43
N SER C 71 22.34 -17.31 -39.33
CA SER C 71 21.49 -16.48 -40.21
C SER C 71 20.24 -15.85 -39.53
N GLN C 72 19.89 -16.31 -38.33
CA GLN C 72 18.91 -15.61 -37.50
C GLN C 72 19.38 -14.15 -37.11
N SER C 73 20.68 -13.89 -37.14
CA SER C 73 21.23 -12.53 -36.90
C SER C 73 20.59 -11.52 -37.82
N ASP C 74 20.29 -10.32 -37.31
CA ASP C 74 19.63 -9.29 -38.11
C ASP C 74 20.11 -7.91 -37.72
N ASP C 75 20.40 -7.10 -38.72
CA ASP C 75 20.75 -5.69 -38.51
C ASP C 75 19.61 -4.71 -38.86
N PHE C 76 18.44 -5.24 -39.17
CA PHE C 76 17.24 -4.41 -39.30
C PHE C 76 17.40 -3.19 -40.25
N ASN C 77 18.16 -3.35 -41.33
CA ASN C 77 18.36 -2.25 -42.31
C ASN C 77 17.37 -2.50 -43.43
N TYR C 78 16.12 -2.26 -43.07
CA TYR C 78 14.97 -2.38 -43.94
C TYR C 78 13.80 -1.65 -43.26
N THR C 79 12.66 -1.66 -43.95
CA THR C 79 11.43 -1.03 -43.48
C THR C 79 10.39 -2.12 -43.33
N ALA C 80 9.68 -2.09 -42.19
CA ALA C 80 8.56 -3.00 -41.91
C ALA C 80 7.52 -2.38 -40.97
N ASP C 81 6.28 -2.82 -41.11
CA ASP C 81 5.27 -2.71 -40.02
C ASP C 81 4.27 -3.89 -40.07
N SER C 82 3.22 -3.86 -39.23
CA SER C 82 2.34 -5.03 -39.06
C SER C 82 1.52 -5.39 -40.29
N ASN C 83 1.20 -4.40 -41.13
CA ASN C 83 0.58 -4.64 -42.45
C ASN C 83 1.58 -4.91 -43.57
N ASN C 84 2.78 -4.33 -43.49
CA ASN C 84 3.84 -4.55 -44.48
C ASN C 84 5.11 -5.15 -43.84
N LYS C 85 5.00 -6.42 -43.43
CA LYS C 85 6.08 -7.11 -42.74
C LYS C 85 7.38 -7.15 -43.56
N GLY C 86 7.27 -7.39 -44.86
CA GLY C 86 8.43 -7.38 -45.75
C GLY C 86 9.55 -8.32 -45.30
N ASN C 87 10.69 -7.74 -44.92
CA ASN C 87 11.88 -8.53 -44.55
C ASN C 87 11.89 -8.99 -43.10
N PHE C 88 10.95 -8.47 -42.31
CA PHE C 88 10.81 -8.83 -40.90
C PHE C 88 10.34 -10.26 -40.82
N GLU C 89 9.32 -10.55 -41.64
CA GLU C 89 8.70 -11.88 -41.79
C GLU C 89 9.68 -13.04 -42.12
N LYS C 90 10.83 -12.73 -42.73
CA LYS C 90 11.87 -13.74 -43.05
C LYS C 90 12.51 -14.36 -41.82
N LYS C 91 12.64 -13.60 -40.73
CA LYS C 91 13.32 -14.06 -39.51
C LYS C 91 12.57 -13.89 -38.17
N TRP C 92 11.41 -13.23 -38.18
CA TRP C 92 10.76 -12.81 -36.91
C TRP C 92 9.26 -12.95 -37.00
N THR C 93 8.62 -13.13 -35.85
CA THR C 93 7.18 -12.86 -35.72
C THR C 93 6.98 -11.69 -34.76
N ASP C 94 5.89 -10.93 -35.00
CA ASP C 94 5.53 -9.77 -34.17
C ASP C 94 4.59 -10.09 -32.99
N TYR C 95 4.79 -11.24 -32.34
CA TYR C 95 4.11 -11.53 -31.10
C TYR C 95 4.97 -12.44 -30.23
N TYR C 96 4.49 -12.77 -29.03
CA TYR C 96 5.08 -13.82 -28.16
C TYR C 96 5.00 -15.19 -28.86
N HIS C 97 5.73 -16.18 -28.33
CA HIS C 97 5.79 -17.49 -29.00
C HIS C 97 4.53 -18.38 -28.85
N ALA C 98 3.55 -17.91 -28.05
CA ALA C 98 2.23 -18.52 -27.84
C ALA C 98 1.18 -17.41 -27.74
N ASN C 99 -0.08 -17.81 -27.72
CA ASN C 99 -1.15 -16.86 -27.61
C ASN C 99 -1.32 -16.40 -26.17
N TRP C 100 -0.49 -15.44 -25.78
CA TRP C 100 -0.51 -14.85 -24.45
C TRP C 100 -0.16 -13.38 -24.62
N SER C 101 -0.99 -12.54 -24.03
CA SER C 101 -0.86 -11.11 -24.22
C SER C 101 0.16 -10.45 -23.27
N GLY C 102 0.68 -11.22 -22.31
CA GLY C 102 1.79 -10.81 -21.46
C GLY C 102 1.43 -10.58 -20.00
N PRO C 103 2.44 -10.25 -19.19
CA PRO C 103 2.25 -10.09 -17.75
C PRO C 103 1.53 -8.78 -17.48
N ALA C 104 0.40 -8.87 -16.78
CA ALA C 104 -0.50 -7.76 -16.66
C ALA C 104 0.18 -6.68 -15.80
N PRO C 105 0.02 -5.42 -16.13
CA PRO C 105 -0.97 -4.95 -17.10
C PRO C 105 -0.51 -4.85 -18.52
N THR C 106 0.61 -5.46 -18.90
CA THR C 106 1.03 -5.49 -20.30
C THR C 106 -0.02 -6.16 -21.17
N ILE C 107 -0.26 -5.59 -22.36
CA ILE C 107 -1.07 -6.21 -23.40
C ILE C 107 -0.39 -6.07 -24.73
N TRP C 108 0.27 -7.12 -25.19
CA TRP C 108 1.00 -7.08 -26.45
C TRP C 108 0.08 -6.93 -27.66
N GLN C 109 0.46 -6.02 -28.57
CA GLN C 109 -0.20 -5.77 -29.84
C GLN C 109 0.79 -5.88 -30.99
N ARG C 110 0.39 -6.57 -32.06
CA ARG C 110 1.20 -6.66 -33.28
C ARG C 110 1.60 -5.28 -33.81
N ASP C 111 0.68 -4.32 -33.84
CA ASP C 111 0.99 -3.01 -34.44
C ASP C 111 1.95 -2.10 -33.65
N HIS C 112 2.42 -2.55 -32.48
CA HIS C 112 3.40 -1.78 -31.71
C HIS C 112 4.85 -2.19 -32.05
N ILE C 113 5.02 -3.05 -33.06
CA ILE C 113 6.31 -3.47 -33.60
C ILE C 113 6.53 -2.86 -34.98
N SER C 114 7.67 -2.28 -35.22
CA SER C 114 8.00 -1.90 -36.56
C SER C 114 9.47 -1.90 -36.70
N VAL C 115 9.94 -1.66 -37.91
CA VAL C 115 11.35 -1.53 -38.19
C VAL C 115 11.54 -0.33 -39.13
N SER C 116 12.33 0.65 -38.71
CA SER C 116 12.68 1.79 -39.57
C SER C 116 13.90 2.51 -39.04
N ASP C 117 14.54 3.28 -39.93
CA ASP C 117 15.81 3.99 -39.68
C ASP C 117 16.87 3.12 -39.05
N GLY C 118 16.99 1.91 -39.57
CA GLY C 118 18.00 0.98 -39.10
C GLY C 118 17.77 0.32 -37.73
N CYS C 119 16.56 0.42 -37.16
CA CYS C 119 16.25 -0.21 -35.85
C CYS C 119 14.94 -0.97 -35.81
N LEU C 120 14.93 -2.06 -35.05
CA LEU C 120 13.71 -2.64 -34.53
C LEU C 120 13.15 -1.67 -33.48
N ARG C 121 11.90 -1.27 -33.65
CA ARG C 121 11.28 -0.29 -32.77
C ARG C 121 10.08 -0.93 -32.07
N ILE C 122 10.03 -0.88 -30.75
CA ILE C 122 8.89 -1.38 -30.01
C ILE C 122 8.28 -0.23 -29.25
N GLU C 123 7.01 0.09 -29.51
CA GLU C 123 6.40 1.27 -28.88
C GLU C 123 5.40 0.89 -27.80
N THR C 124 5.10 1.85 -26.95
CA THR C 124 4.20 1.70 -25.81
C THR C 124 3.12 2.79 -25.93
N SER C 125 1.93 2.52 -25.43
CA SER C 125 0.83 3.46 -25.54
C SER C 125 -0.32 3.02 -24.64
N ARG C 126 -1.21 3.96 -24.33
CA ARG C 126 -2.40 3.64 -23.57
C ARG C 126 -3.51 4.50 -24.11
N PRO C 127 -4.52 3.88 -24.74
CA PRO C 127 -5.71 4.63 -25.19
C PRO C 127 -6.50 5.20 -24.02
N ASP C 128 -7.33 6.20 -24.30
CA ASP C 128 -8.25 6.73 -23.27
C ASP C 128 -9.20 5.67 -22.72
N ASP C 129 -9.69 4.81 -23.61
CA ASP C 129 -10.72 3.77 -23.33
C ASP C 129 -10.18 2.39 -22.90
N VAL C 130 -8.94 2.29 -22.44
CA VAL C 130 -8.29 0.98 -22.25
C VAL C 130 -8.95 0.12 -21.15
N LYS C 131 -9.13 -1.15 -21.48
CA LYS C 131 -9.31 -2.27 -20.57
C LYS C 131 -8.70 -2.07 -19.18
N ILE C 132 -9.51 -2.22 -18.13
CA ILE C 132 -8.99 -2.40 -16.78
C ILE C 132 -8.70 -3.91 -16.55
N VAL C 133 -7.48 -4.27 -16.12
CA VAL C 133 -7.12 -5.71 -15.92
C VAL C 133 -6.65 -6.06 -14.52
N LYS C 134 -6.70 -7.35 -14.23
CA LYS C 134 -6.33 -7.86 -12.92
C LYS C 134 -4.85 -8.16 -12.94
N VAL C 135 -4.14 -7.56 -11.99
CA VAL C 135 -2.70 -7.66 -11.87
C VAL C 135 -2.40 -8.39 -10.58
N THR C 136 -1.57 -9.41 -10.66
CA THR C 136 -1.37 -10.24 -9.50
C THR C 136 0.13 -10.47 -9.31
N SER C 137 0.62 -10.29 -8.09
CA SER C 137 2.02 -10.61 -7.76
C SER C 137 2.23 -10.86 -6.27
N GLY C 138 2.92 -11.95 -5.95
CA GLY C 138 2.97 -12.45 -4.59
C GLY C 138 1.53 -12.69 -4.17
N ASP C 139 1.13 -12.10 -3.06
CA ASP C 139 -0.21 -12.23 -2.51
C ASP C 139 -1.05 -10.96 -2.73
N LYS C 140 -0.59 -10.07 -3.61
CA LYS C 140 -1.27 -8.79 -3.87
C LYS C 140 -2.06 -8.88 -5.19
N GLU C 141 -3.19 -8.17 -5.24
CA GLU C 141 -4.09 -8.11 -6.41
C GLU C 141 -4.58 -6.68 -6.58
N LYS C 142 -4.72 -6.24 -7.81
CA LYS C 142 -5.09 -4.86 -8.08
C LYS C 142 -5.60 -4.81 -9.51
N MET C 143 -6.67 -4.04 -9.73
CA MET C 143 -7.18 -3.73 -11.03
C MET C 143 -6.43 -2.49 -11.51
N MET C 144 -5.85 -2.55 -12.71
CA MET C 144 -5.07 -1.43 -13.27
C MET C 144 -5.41 -1.23 -14.72
N PRO C 145 -5.28 -0.02 -15.22
CA PRO C 145 -5.35 0.16 -16.67
C PRO C 145 -4.28 -0.65 -17.44
N GLY C 146 -4.66 -1.22 -18.56
CA GLY C 146 -3.73 -1.93 -19.41
C GLY C 146 -2.76 -0.98 -20.05
N THR C 147 -1.69 -1.54 -20.61
CA THR C 147 -0.64 -0.78 -21.28
C THR C 147 -0.27 -1.53 -22.55
N TYR C 148 -0.46 -0.92 -23.71
CA TYR C 148 -0.18 -1.61 -24.96
C TYR C 148 1.28 -1.49 -25.27
N THR C 149 1.88 -2.60 -25.67
CA THR C 149 3.24 -2.56 -26.17
C THR C 149 3.44 -3.74 -27.12
N GLY C 150 4.70 -4.08 -27.40
CA GLY C 150 5.02 -5.03 -28.43
C GLY C 150 5.95 -6.14 -27.98
N CYS C 151 5.89 -7.27 -28.70
CA CYS C 151 6.73 -8.43 -28.47
C CYS C 151 7.09 -9.09 -29.77
N VAL C 152 8.34 -9.53 -29.88
CA VAL C 152 8.88 -10.12 -31.10
C VAL C 152 9.53 -11.48 -30.77
N THR C 153 9.34 -12.47 -31.62
CA THR C 153 9.92 -13.80 -31.41
C THR C 153 10.67 -14.24 -32.66
N SER C 154 11.88 -14.74 -32.50
CA SER C 154 12.65 -15.37 -33.61
C SER C 154 11.89 -16.54 -34.29
N LYS C 155 12.18 -16.77 -35.57
CA LYS C 155 11.63 -17.92 -36.30
C LYS C 155 12.44 -19.20 -36.13
N THR C 156 13.74 -19.07 -35.89
CA THR C 156 14.57 -20.22 -35.47
C THR C 156 15.09 -20.07 -34.04
N ARG C 157 15.68 -21.15 -33.55
CA ARG C 157 16.13 -21.27 -32.16
C ARG C 157 17.62 -21.46 -31.98
N VAL C 158 18.08 -21.20 -30.76
CA VAL C 158 19.46 -21.36 -30.46
C VAL C 158 19.64 -22.30 -29.29
N VAL C 159 20.82 -22.88 -29.19
CA VAL C 159 21.13 -23.80 -28.11
C VAL C 159 22.66 -23.72 -27.89
N TYR C 160 23.10 -23.99 -26.66
CA TYR C 160 24.53 -24.02 -26.32
C TYR C 160 25.28 -24.99 -27.25
N PRO C 161 26.55 -24.73 -27.52
CA PRO C 161 27.25 -23.48 -27.19
C PRO C 161 26.87 -22.34 -28.16
N VAL C 162 26.58 -21.14 -27.66
CA VAL C 162 26.19 -20.00 -28.54
C VAL C 162 26.47 -18.64 -27.87
N TYR C 163 26.85 -17.65 -28.67
CA TYR C 163 27.03 -16.27 -28.21
C TYR C 163 25.92 -15.45 -28.84
N VAL C 164 25.09 -14.81 -28.02
CA VAL C 164 24.02 -13.92 -28.50
C VAL C 164 24.21 -12.52 -27.93
N GLU C 165 24.14 -11.51 -28.80
CA GLU C 165 24.48 -10.14 -28.44
C GLU C 165 23.58 -9.14 -29.13
N ALA C 166 22.98 -8.24 -28.36
CA ALA C 166 22.15 -7.18 -28.95
C ALA C 166 22.82 -5.83 -28.79
N TYR C 167 22.56 -4.93 -29.72
CA TYR C 167 23.03 -3.53 -29.64
C TYR C 167 21.77 -2.68 -29.52
N ALA C 168 21.55 -2.15 -28.33
CA ALA C 168 20.20 -1.67 -27.95
C ALA C 168 20.23 -0.45 -27.03
N LYS C 169 19.16 0.34 -27.19
CA LYS C 169 18.99 1.57 -26.44
C LYS C 169 17.76 1.38 -25.59
N ILE C 170 18.00 1.02 -24.34
CA ILE C 170 16.97 0.85 -23.36
C ILE C 170 16.05 2.07 -23.36
N ALA C 171 14.74 1.83 -23.29
CA ALA C 171 13.77 2.93 -23.37
C ALA C 171 13.76 3.71 -22.08
N ASN C 172 13.56 5.03 -22.20
CA ASN C 172 13.52 5.95 -21.07
C ASN C 172 12.12 5.92 -20.39
N SER C 173 11.83 4.78 -19.78
CA SER C 173 10.48 4.42 -19.40
C SER C 173 10.59 3.57 -18.17
N THR C 174 9.53 3.53 -17.37
CA THR C 174 9.42 2.54 -16.29
C THR C 174 9.06 1.12 -16.78
N MET C 175 8.72 0.99 -18.05
CA MET C 175 8.55 -0.29 -18.67
C MET C 175 9.90 -0.99 -18.66
N ALA C 176 9.86 -2.32 -18.64
CA ALA C 176 11.06 -3.08 -18.83
C ALA C 176 11.40 -3.05 -20.32
N SER C 177 12.69 -2.91 -20.64
CA SER C 177 13.19 -3.21 -21.99
C SER C 177 13.91 -4.56 -21.94
N ASP C 178 13.47 -5.50 -22.80
CA ASP C 178 13.90 -6.90 -22.70
C ASP C 178 14.45 -7.50 -24.00
N VAL C 179 15.61 -8.15 -23.88
CA VAL C 179 16.09 -9.11 -24.90
C VAL C 179 16.41 -10.42 -24.19
N TRP C 180 15.72 -11.49 -24.55
CA TRP C 180 15.80 -12.73 -23.74
C TRP C 180 15.51 -14.00 -24.53
N MET C 181 15.68 -15.13 -23.87
CA MET C 181 15.55 -16.42 -24.53
C MET C 181 14.71 -17.32 -23.65
N LEU C 182 13.77 -18.02 -24.25
CA LEU C 182 12.83 -18.88 -23.54
C LEU C 182 12.61 -20.18 -24.31
N SER C 183 12.67 -21.30 -23.60
CA SER C 183 12.44 -22.60 -24.23
C SER C 183 10.95 -22.69 -24.60
N PRO C 184 10.60 -23.31 -25.74
CA PRO C 184 9.19 -23.45 -26.13
C PRO C 184 8.26 -23.99 -25.08
N ASP C 185 8.75 -24.88 -24.21
CA ASP C 185 7.92 -25.38 -23.08
C ASP C 185 7.84 -24.48 -21.84
N ASP C 186 8.49 -23.31 -21.88
CA ASP C 186 8.42 -22.28 -20.83
C ASP C 186 9.12 -22.64 -19.50
N THR C 187 10.05 -23.60 -19.52
CA THR C 187 10.73 -24.06 -18.31
C THR C 187 12.11 -23.46 -18.12
N GLN C 188 12.75 -23.01 -19.21
CA GLN C 188 14.12 -22.51 -19.14
C GLN C 188 14.25 -21.21 -19.91
N GLU C 189 14.97 -20.28 -19.28
CA GLU C 189 15.06 -18.88 -19.70
C GLU C 189 16.44 -18.32 -19.42
N ILE C 190 16.98 -17.59 -20.39
CA ILE C 190 18.20 -16.82 -20.25
C ILE C 190 17.92 -15.37 -20.66
N ASP C 191 18.15 -14.43 -19.73
CA ASP C 191 17.96 -13.01 -20.01
C ASP C 191 19.24 -12.32 -20.39
N ILE C 192 19.23 -11.68 -21.55
CA ILE C 192 20.39 -10.94 -22.04
C ILE C 192 20.31 -9.52 -21.49
N ILE C 193 19.28 -8.79 -21.88
CA ILE C 193 18.95 -7.48 -21.34
C ILE C 193 17.60 -7.53 -20.62
N GLU C 194 17.58 -7.25 -19.32
CA GLU C 194 16.35 -6.81 -18.66
C GLU C 194 16.67 -5.49 -17.95
N ALA C 195 16.05 -4.40 -18.36
CA ALA C 195 16.42 -3.07 -17.84
C ALA C 195 15.30 -2.09 -17.80
N TYR C 196 15.43 -1.11 -16.92
CA TYR C 196 14.42 -0.07 -16.68
C TYR C 196 15.12 1.27 -16.81
N GLY C 197 14.78 2.03 -17.85
CA GLY C 197 15.54 3.22 -18.18
C GLY C 197 15.09 4.54 -17.57
N SER C 198 13.98 4.56 -16.85
CA SER C 198 13.47 5.81 -16.34
C SER C 198 14.18 6.23 -15.06
N ASP C 199 14.26 7.55 -14.89
CA ASP C 199 14.66 8.17 -13.61
C ASP C 199 13.62 7.91 -12.50
N ARG C 200 12.38 7.58 -12.85
CA ARG C 200 11.36 7.29 -11.86
C ARG C 200 11.56 5.90 -11.26
N VAL C 201 11.99 5.85 -9.99
CA VAL C 201 12.26 4.60 -9.29
C VAL C 201 11.51 4.37 -7.97
N VAL C 202 10.76 5.37 -7.53
CA VAL C 202 9.96 5.28 -6.32
C VAL C 202 8.53 5.18 -6.78
N GLY C 203 7.85 4.14 -6.32
CA GLY C 203 6.42 3.94 -6.59
C GLY C 203 5.52 4.49 -5.50
N ASP C 204 4.34 3.87 -5.32
CA ASP C 204 3.26 4.33 -4.42
C ASP C 204 3.76 4.53 -3.00
N ASP C 205 4.32 3.48 -2.42
CA ASP C 205 5.06 3.58 -1.16
C ASP C 205 6.54 3.84 -1.48
N GLY C 206 7.36 4.00 -0.44
CA GLY C 206 8.80 4.14 -0.61
C GLY C 206 9.58 2.83 -0.64
N HIS C 207 9.09 1.79 -1.32
CA HIS C 207 9.85 0.54 -1.49
C HIS C 207 11.04 0.77 -2.41
N LYS C 208 12.10 -0.03 -2.22
CA LYS C 208 13.36 0.20 -2.94
C LYS C 208 13.37 -0.61 -4.22
N PHE C 209 13.62 0.07 -5.34
CA PHE C 209 13.83 -0.53 -6.65
C PHE C 209 15.15 0.01 -7.19
N TYR C 210 15.92 -0.82 -7.87
CA TYR C 210 17.10 -0.34 -8.60
C TYR C 210 16.69 0.57 -9.77
N GLY C 211 17.61 1.45 -10.15
CA GLY C 211 17.39 2.50 -11.16
C GLY C 211 18.13 2.33 -12.49
N PRO C 212 18.15 3.40 -13.30
CA PRO C 212 18.67 3.32 -14.65
C PRO C 212 20.22 3.26 -14.75
N ASP C 213 20.93 3.22 -13.62
CA ASP C 213 22.34 2.81 -13.63
C ASP C 213 22.58 1.28 -13.66
N ARG C 214 21.50 0.45 -13.69
CA ARG C 214 21.59 -1.03 -13.67
C ARG C 214 21.00 -1.72 -14.89
N ILE C 215 21.59 -2.86 -15.22
CA ILE C 215 21.02 -3.85 -16.11
C ILE C 215 20.91 -5.12 -15.26
N HIS C 216 19.80 -5.82 -15.40
CA HIS C 216 19.60 -7.14 -14.78
C HIS C 216 20.15 -8.23 -15.72
N LEU C 217 21.10 -9.00 -15.19
CA LEU C 217 21.70 -10.14 -15.88
C LEU C 217 21.27 -11.39 -15.11
N SER C 218 20.46 -12.21 -15.77
CA SER C 218 19.81 -13.32 -15.09
C SER C 218 19.43 -14.44 -16.02
N HIS C 219 18.90 -15.48 -15.40
CA HIS C 219 18.25 -16.58 -16.09
C HIS C 219 17.20 -17.14 -15.14
N HIS C 220 16.28 -17.90 -15.68
CA HIS C 220 15.25 -18.53 -14.86
C HIS C 220 15.11 -20.02 -15.21
N VAL C 221 14.80 -20.77 -14.17
CA VAL C 221 14.30 -22.10 -14.29
C VAL C 221 12.94 -22.15 -13.59
N PHE C 222 11.98 -22.79 -14.27
CA PHE C 222 10.61 -22.92 -13.78
C PHE C 222 10.10 -24.36 -13.72
N ILE C 223 9.20 -24.61 -12.80
CA ILE C 223 8.25 -25.72 -12.91
C ILE C 223 6.89 -25.06 -13.08
N ARG C 224 6.13 -25.50 -14.08
CA ARG C 224 4.89 -24.81 -14.50
C ARG C 224 3.67 -25.06 -13.58
N ASP C 225 3.55 -26.26 -13.00
CA ASP C 225 2.41 -26.63 -12.16
C ASP C 225 2.78 -27.66 -11.05
N PRO C 226 2.72 -27.30 -9.76
CA PRO C 226 2.44 -25.93 -9.26
C PRO C 226 3.60 -24.94 -9.57
N PHE C 227 3.24 -23.74 -10.03
CA PHE C 227 4.20 -22.77 -10.55
C PHE C 227 5.31 -22.45 -9.54
N GLN C 228 6.55 -22.50 -9.98
CA GLN C 228 7.70 -22.16 -9.17
C GLN C 228 8.77 -21.53 -10.06
N ASP C 229 9.48 -20.55 -9.48
CA ASP C 229 10.40 -19.67 -10.20
C ASP C 229 11.70 -19.58 -9.42
N TYR C 230 12.81 -20.02 -10.03
CA TYR C 230 14.14 -19.75 -9.50
C TYR C 230 14.90 -18.81 -10.42
N GLN C 231 15.51 -17.79 -9.83
CA GLN C 231 16.62 -17.09 -10.47
C GLN C 231 17.73 -16.78 -9.43
N PRO C 232 18.99 -16.58 -9.90
CA PRO C 232 20.01 -16.03 -9.00
C PRO C 232 19.55 -14.71 -8.42
N THR C 233 19.82 -14.47 -7.16
CA THR C 233 19.45 -13.20 -6.54
C THR C 233 20.57 -12.54 -5.72
N ASP C 234 21.80 -12.97 -5.92
CA ASP C 234 22.95 -12.21 -5.43
C ASP C 234 23.00 -10.84 -6.13
N PRO C 235 23.47 -9.80 -5.42
CA PRO C 235 23.45 -8.40 -5.98
C PRO C 235 24.30 -8.17 -7.25
N GLY C 236 25.24 -9.06 -7.56
CA GLY C 236 25.95 -9.01 -8.83
C GLY C 236 25.08 -9.22 -10.06
N SER C 237 23.86 -9.74 -9.89
CA SER C 237 22.95 -9.85 -11.02
C SER C 237 22.41 -8.49 -11.51
N TRP C 238 22.44 -7.46 -10.66
CA TRP C 238 22.11 -6.10 -11.12
C TRP C 238 23.39 -5.30 -11.38
N TYR C 239 23.83 -5.33 -12.62
CA TYR C 239 25.12 -4.78 -12.96
C TYR C 239 25.09 -3.25 -13.10
N LYS C 240 25.98 -2.55 -12.39
CA LYS C 240 26.37 -1.16 -12.74
C LYS C 240 27.88 -1.07 -12.96
N ASP C 241 28.33 -0.21 -13.87
CA ASP C 241 29.76 0.07 -13.97
C ASP C 241 30.20 1.07 -12.87
N VAL C 242 31.50 1.31 -12.79
CA VAL C 242 32.08 2.27 -11.83
C VAL C 242 32.09 3.72 -12.38
N ASN C 243 31.83 3.86 -13.67
CA ASN C 243 31.82 5.16 -14.33
C ASN C 243 30.62 6.07 -14.13
N GLY C 244 29.49 5.53 -13.68
CA GLY C 244 28.21 6.26 -13.59
C GLY C 244 27.37 6.19 -14.86
N THR C 245 27.60 5.18 -15.72
CA THR C 245 26.89 5.04 -17.00
C THR C 245 25.39 4.83 -16.77
N ILE C 246 24.57 5.65 -17.41
CA ILE C 246 23.11 5.51 -17.38
C ILE C 246 22.74 4.90 -18.73
N TRP C 247 22.29 3.65 -18.72
CA TRP C 247 22.33 2.82 -19.95
C TRP C 247 21.42 3.34 -21.05
N ARG C 248 20.26 3.89 -20.66
CA ARG C 248 19.31 4.51 -21.60
C ARG C 248 19.88 5.65 -22.44
N ASN C 249 21.03 6.20 -22.06
CA ASN C 249 21.59 7.31 -22.80
C ASN C 249 22.33 6.98 -24.06
N ASP C 250 22.43 5.72 -24.42
CA ASP C 250 23.06 5.31 -25.68
C ASP C 250 22.74 3.86 -26.05
N PHE C 251 23.13 3.47 -27.26
CA PHE C 251 23.18 2.06 -27.64
C PHE C 251 24.32 1.38 -26.91
N HIS C 252 24.07 0.20 -26.34
CA HIS C 252 25.10 -0.62 -25.72
C HIS C 252 24.99 -2.07 -26.18
N ARG C 253 26.12 -2.75 -26.23
CA ARG C 253 26.19 -4.17 -26.47
C ARG C 253 25.97 -4.93 -25.18
N VAL C 254 25.09 -5.90 -25.22
CA VAL C 254 24.91 -6.81 -24.11
C VAL C 254 24.77 -8.18 -24.76
N GLY C 255 25.65 -9.07 -24.34
CA GLY C 255 25.65 -10.39 -24.88
C GLY C 255 25.88 -11.45 -23.82
N VAL C 256 25.55 -12.67 -24.20
CA VAL C 256 25.70 -13.79 -23.32
C VAL C 256 26.37 -14.94 -24.10
N TYR C 257 27.41 -15.50 -23.51
CA TYR C 257 27.96 -16.74 -23.99
C TYR C 257 27.34 -17.86 -23.19
N TRP C 258 26.47 -18.62 -23.86
CA TRP C 258 25.82 -19.78 -23.27
C TRP C 258 26.70 -20.97 -23.65
N LYS C 259 27.61 -21.31 -22.73
CA LYS C 259 28.74 -22.20 -23.04
C LYS C 259 28.31 -23.66 -22.99
N ASP C 260 27.67 -24.04 -21.89
CA ASP C 260 27.14 -25.37 -21.70
C ASP C 260 25.99 -25.27 -20.70
N PRO C 261 25.34 -26.38 -20.35
CA PRO C 261 24.16 -26.22 -19.50
C PRO C 261 24.39 -25.63 -18.09
N PHE C 262 25.64 -25.53 -17.65
CA PHE C 262 25.93 -24.95 -16.35
C PHE C 262 26.83 -23.71 -16.39
N ASN C 263 27.01 -23.09 -17.55
CA ASN C 263 27.99 -21.99 -17.69
C ASN C 263 27.50 -20.89 -18.58
N LEU C 264 27.24 -19.72 -17.98
CA LEU C 264 26.90 -18.49 -18.72
C LEU C 264 27.93 -17.43 -18.42
N GLU C 265 28.28 -16.69 -19.46
CA GLU C 265 29.12 -15.50 -19.31
C GLU C 265 28.39 -14.32 -19.94
N TYR C 266 28.26 -13.21 -19.19
CA TYR C 266 27.64 -11.97 -19.72
C TYR C 266 28.70 -10.93 -20.11
N TYR C 267 28.51 -10.31 -21.26
CA TYR C 267 29.43 -9.35 -21.84
C TYR C 267 28.70 -8.03 -22.07
N VAL C 268 29.15 -6.95 -21.42
CA VAL C 268 28.64 -5.59 -21.61
C VAL C 268 29.68 -4.70 -22.27
N ASP C 269 29.34 -4.17 -23.43
CA ASP C 269 30.30 -3.41 -24.28
C ASP C 269 31.67 -4.11 -24.45
N GLY C 270 31.59 -5.40 -24.83
CA GLY C 270 32.75 -6.20 -25.16
C GLY C 270 33.61 -6.71 -24.02
N LYS C 271 33.16 -6.56 -22.77
CA LYS C 271 33.93 -6.93 -21.59
C LYS C 271 33.06 -7.79 -20.67
N MET C 272 33.68 -8.81 -20.12
CA MET C 272 32.98 -9.85 -19.40
C MET C 272 32.78 -9.35 -17.97
N VAL C 273 31.52 -9.20 -17.54
CA VAL C 273 31.18 -8.56 -16.25
C VAL C 273 30.50 -9.46 -15.23
N ARG C 274 30.15 -10.69 -15.65
CA ARG C 274 29.49 -11.67 -14.79
C ARG C 274 29.53 -13.10 -15.37
N ARG C 275 29.97 -14.04 -14.52
CA ARG C 275 30.13 -15.46 -14.83
C ARG C 275 29.19 -16.18 -13.91
N VAL C 276 28.38 -17.04 -14.48
CA VAL C 276 27.45 -17.85 -13.72
C VAL C 276 27.81 -19.28 -14.08
N SER C 277 28.25 -20.03 -13.08
CA SER C 277 28.86 -21.33 -13.28
C SER C 277 28.53 -22.31 -12.16
N GLY C 278 28.00 -23.48 -12.55
CA GLY C 278 27.78 -24.63 -11.64
C GLY C 278 26.37 -24.77 -11.11
N LYS C 279 26.01 -25.99 -10.71
CA LYS C 279 24.66 -26.34 -10.21
C LYS C 279 24.18 -25.50 -9.02
N ASN C 280 25.10 -24.95 -8.22
CA ASN C 280 24.71 -24.16 -7.04
C ASN C 280 24.08 -22.82 -7.36
N ILE C 281 24.45 -22.24 -8.49
CA ILE C 281 23.89 -20.96 -8.94
C ILE C 281 22.88 -21.14 -10.12
N ILE C 282 23.18 -22.03 -11.07
CA ILE C 282 22.26 -22.35 -12.17
C ILE C 282 20.91 -22.99 -11.76
N ASP C 283 20.92 -23.97 -10.86
CA ASP C 283 19.67 -24.70 -10.50
C ASP C 283 19.79 -25.44 -9.17
N PRO C 284 19.87 -24.70 -8.05
CA PRO C 284 20.08 -25.35 -6.76
C PRO C 284 18.87 -26.14 -6.22
N ASN C 285 17.65 -25.85 -6.66
CA ASN C 285 16.44 -26.60 -6.24
C ASN C 285 16.11 -27.82 -7.13
N ASP C 286 16.96 -28.11 -8.11
CA ASP C 286 16.83 -29.26 -9.01
C ASP C 286 15.52 -29.27 -9.86
N PHE C 287 15.12 -28.08 -10.33
CA PHE C 287 13.98 -27.95 -11.24
C PHE C 287 14.25 -28.59 -12.61
N THR C 288 15.51 -28.68 -13.04
CA THR C 288 15.87 -29.31 -14.32
C THR C 288 16.25 -30.80 -14.18
N LYS C 289 16.14 -31.33 -12.97
CA LYS C 289 16.49 -32.73 -12.67
C LYS C 289 17.84 -33.12 -13.25
N GLY C 290 18.85 -32.31 -12.92
CA GLY C 290 20.23 -32.55 -13.27
C GLY C 290 20.73 -32.00 -14.59
N THR C 291 19.85 -31.53 -15.49
CA THR C 291 20.31 -31.14 -16.84
C THR C 291 20.83 -29.72 -16.97
N GLY C 292 20.43 -28.80 -16.09
CA GLY C 292 20.70 -27.37 -16.26
C GLY C 292 20.02 -26.78 -17.51
N LEU C 293 20.64 -25.74 -18.08
CA LEU C 293 20.06 -24.99 -19.20
C LEU C 293 20.44 -25.65 -20.50
N SER C 294 19.69 -26.69 -20.87
CA SER C 294 20.04 -27.54 -22.03
C SER C 294 19.07 -27.49 -23.20
N LYS C 295 17.87 -26.92 -22.99
CA LYS C 295 16.82 -26.87 -23.99
C LYS C 295 17.02 -25.70 -24.92
N GLU C 296 16.76 -25.92 -26.20
CA GLU C 296 16.86 -24.87 -27.20
C GLU C 296 15.87 -23.74 -26.85
N MET C 297 16.17 -22.51 -27.28
CA MET C 297 15.38 -21.35 -26.91
C MET C 297 15.00 -20.47 -28.08
N ASP C 298 13.78 -19.92 -28.05
CA ASP C 298 13.36 -18.84 -28.94
C ASP C 298 14.03 -17.57 -28.42
N ILE C 299 14.40 -16.66 -29.31
CA ILE C 299 14.85 -15.32 -28.89
C ILE C 299 13.65 -14.38 -28.89
N ILE C 300 13.49 -13.61 -27.81
CA ILE C 300 12.36 -12.68 -27.65
C ILE C 300 12.85 -11.26 -27.37
N ILE C 301 12.24 -10.29 -28.02
CA ILE C 301 12.55 -8.89 -27.81
C ILE C 301 11.21 -8.21 -27.55
N ASN C 302 11.10 -7.52 -26.43
CA ASN C 302 9.84 -6.89 -26.08
C ASN C 302 10.01 -5.74 -25.08
N MET C 303 8.89 -5.10 -24.76
CA MET C 303 8.76 -4.32 -23.56
C MET C 303 7.66 -4.94 -22.71
N GLU C 304 7.69 -4.65 -21.41
CA GLU C 304 6.75 -5.25 -20.43
C GLU C 304 6.41 -4.24 -19.38
N ASP C 305 5.14 -4.06 -19.09
CA ASP C 305 4.74 -3.39 -17.85
C ASP C 305 4.61 -4.48 -16.79
N GLN C 306 5.67 -4.73 -16.03
CA GLN C 306 5.75 -5.93 -15.20
C GLN C 306 4.88 -5.85 -13.95
N SER C 307 4.27 -6.98 -13.58
CA SER C 307 3.24 -7.04 -12.57
C SER C 307 3.70 -6.54 -11.20
N TRP C 308 4.84 -7.01 -10.73
CA TRP C 308 5.35 -6.60 -9.41
C TRP C 308 5.52 -5.09 -9.35
N ARG C 309 6.20 -4.53 -10.34
CA ARG C 309 6.40 -3.08 -10.44
C ARG C 309 5.12 -2.27 -10.62
N ALA C 310 4.22 -2.73 -11.50
CA ALA C 310 2.90 -2.09 -11.68
C ALA C 310 2.10 -2.00 -10.37
N ILE C 311 2.07 -3.09 -9.63
CA ILE C 311 1.41 -3.13 -8.33
C ILE C 311 2.00 -2.13 -7.32
N SER C 312 3.32 -1.94 -7.35
CA SER C 312 3.99 -0.98 -6.46
C SER C 312 3.93 0.45 -6.97
N GLY C 313 3.29 0.68 -8.13
CA GLY C 313 3.00 2.01 -8.63
C GLY C 313 3.93 2.54 -9.71
N LEU C 314 4.68 1.65 -10.37
CA LEU C 314 5.65 2.02 -11.41
C LEU C 314 5.18 1.80 -12.86
N SER C 315 3.89 1.57 -13.08
CA SER C 315 3.35 1.49 -14.44
C SER C 315 3.48 2.87 -15.06
N PRO C 316 3.68 2.97 -16.38
CA PRO C 316 3.77 4.32 -16.95
C PRO C 316 2.52 5.16 -16.74
N THR C 317 2.72 6.44 -16.46
CA THR C 317 1.63 7.39 -16.32
C THR C 317 1.20 7.83 -17.71
N ASN C 318 -0.03 8.30 -17.82
CA ASN C 318 -0.55 8.82 -19.07
C ASN C 318 0.29 9.98 -19.57
N LYS C 319 0.71 10.85 -18.65
CA LYS C 319 1.55 11.97 -19.03
C LYS C 319 2.88 11.46 -19.59
N GLU C 320 3.52 10.49 -18.92
CA GLU C 320 4.77 9.90 -19.42
C GLU C 320 4.63 9.35 -20.82
N LEU C 321 3.51 8.65 -21.10
CA LEU C 321 3.30 8.02 -22.40
C LEU C 321 3.09 8.97 -23.58
N MET C 322 2.79 10.25 -23.31
CA MET C 322 2.68 11.25 -24.39
C MET C 322 3.99 11.50 -25.15
N ASN C 323 5.14 11.33 -24.49
CA ASN C 323 6.42 11.38 -25.18
C ASN C 323 6.62 9.96 -25.74
N LYS C 324 6.31 9.80 -27.01
CA LYS C 324 6.36 8.50 -27.66
C LYS C 324 7.78 7.97 -27.69
N ASP C 325 8.77 8.84 -27.90
CA ASP C 325 10.18 8.42 -28.00
C ASP C 325 10.80 7.86 -26.70
N ASN C 326 10.41 8.43 -25.58
CA ASN C 326 10.80 7.89 -24.29
C ASN C 326 10.35 6.44 -24.04
N ASN C 327 9.25 6.05 -24.68
CA ASN C 327 8.69 4.75 -24.44
C ASN C 327 8.86 3.83 -25.64
N THR C 328 9.97 4.01 -26.36
CA THR C 328 10.29 3.18 -27.51
C THR C 328 11.64 2.52 -27.29
N PHE C 329 11.61 1.20 -27.16
CA PHE C 329 12.82 0.39 -27.10
C PHE C 329 13.36 0.21 -28.53
N LEU C 330 14.65 0.44 -28.73
CA LEU C 330 15.29 0.40 -30.03
C LEU C 330 16.37 -0.64 -29.99
N VAL C 331 16.32 -1.56 -30.94
CA VAL C 331 17.41 -2.48 -31.12
C VAL C 331 17.99 -2.25 -32.50
N ASP C 332 19.28 -1.93 -32.55
CA ASP C 332 19.94 -1.61 -33.81
C ASP C 332 20.27 -2.91 -34.53
N TRP C 333 20.82 -3.86 -33.77
CA TRP C 333 21.08 -5.17 -34.31
C TRP C 333 21.13 -6.23 -33.23
N ILE C 334 21.03 -7.47 -33.68
CA ILE C 334 21.22 -8.62 -32.86
C ILE C 334 21.98 -9.67 -33.65
N ARG C 335 23.02 -10.21 -33.05
CA ARG C 335 23.88 -11.17 -33.72
C ARG C 335 24.11 -12.41 -32.89
N ILE C 336 24.28 -13.52 -33.62
CA ILE C 336 24.35 -14.85 -33.05
C ILE C 336 25.52 -15.60 -33.72
N TYR C 337 26.42 -16.13 -32.92
CA TYR C 337 27.54 -16.89 -33.43
C TYR C 337 27.58 -18.22 -32.71
N LYS C 338 28.06 -19.23 -33.42
CA LYS C 338 28.30 -20.56 -32.87
C LYS C 338 29.78 -20.92 -33.09
N PRO C 339 30.44 -21.53 -32.10
CA PRO C 339 31.84 -21.92 -32.27
C PRO C 339 31.97 -23.21 -33.08
N VAL C 340 32.73 -23.16 -34.20
CA VAL C 340 32.96 -24.32 -35.10
C VAL C 340 34.46 -24.58 -35.38
N GLU C 341 34.79 -25.80 -35.86
CA GLU C 341 36.20 -26.20 -36.13
C GLU C 341 36.79 -25.34 -37.26
N ASP C 342 38.04 -24.91 -37.08
CA ASP C 342 38.69 -23.94 -37.97
C ASP C 342 38.91 -24.46 -39.41
#